data_6N0D
#
_entry.id   6N0D
#
_cell.length_a   50.058
_cell.length_b   105.429
_cell.length_c   193.915
_cell.angle_alpha   90.00
_cell.angle_beta   90.00
_cell.angle_gamma   90.00
#
_symmetry.space_group_name_H-M   'P 21 21 21'
#
loop_
_entity.id
_entity.type
_entity.pdbx_description
1 polymer 'Tyrosyl-DNA phosphodiesterase 1'
2 non-polymer '4-fluorobenzene-1,2-dicarboxylic acid'
3 non-polymer 1,2-ETHANEDIOL
4 water water
#
_entity_poly.entity_id   1
_entity_poly.type   'polypeptide(L)'
_entity_poly.pdbx_seq_one_letter_code
;SGEGQDIWDMLDKGNPFQFYLTRVSGVKPKYNSGALHIKDILSPLFGTLVSSAQFNYCFDVDWLVKQYPPEFRKKPILLV
HGDKREAKAHLHAQAKPYENISLCQAKLDIAFGTHHTKMMLLLYEEGLRVVIHTSNLIHADWHQKTQGIWLSPLYPRIAD
GTHKSGESPTHFKADLISYLMAYNAPSLKEWIDVIHKHDLSETNVYLIGSTPGRFQGSQKDNWGHFRLKKLLKDHASSMP
NAESWPVVGQFSSVGSLGADESKWLCSEFKESMLTLGKESKTPGKSSVPLYLIYPSVENVRTSLEGYPAGGSLPYSIQTA
EKQNWLHSYFHKWSAETSGRSNAMPHIKTYMRPSPDFSKIAWFLVTSANLSKAAWGALEKNGTQLMIRSYELGVLFLPSA
FGLDSFKVKQKFFAGSQEPMATFPVPYDLPPELYGSKDRPWIWNIPYVKAPDTHGNMWVPS
;
_entity_poly.pdbx_strand_id   A,B
#
loop_
_chem_comp.id
_chem_comp.type
_chem_comp.name
_chem_comp.formula
EDO non-polymer 1,2-ETHANEDIOL 'C2 H6 O2'
K8J non-polymer '4-fluorobenzene-1,2-dicarboxylic acid' 'C8 H5 F O4'
#
# COMPACT_ATOMS: atom_id res chain seq x y z
N ASN A 15 -17.34 7.37 -15.42
CA ASN A 15 -17.08 6.07 -14.81
C ASN A 15 -15.69 6.02 -14.19
N PRO A 16 -15.60 6.05 -12.86
CA PRO A 16 -14.33 5.73 -12.21
C PRO A 16 -13.95 4.28 -12.36
N PHE A 17 -14.92 3.40 -12.64
CA PHE A 17 -14.65 1.97 -12.53
C PHE A 17 -14.05 1.37 -13.78
N GLN A 18 -14.41 1.86 -14.97
CA GLN A 18 -13.85 1.35 -16.22
C GLN A 18 -14.07 -0.14 -16.37
N PHE A 19 -15.27 -0.58 -15.97
CA PHE A 19 -15.74 -1.95 -16.12
C PHE A 19 -16.76 -1.96 -17.24
N TYR A 20 -16.51 -2.80 -18.25
CA TYR A 20 -17.31 -2.86 -19.46
C TYR A 20 -17.74 -4.29 -19.75
N LEU A 21 -18.85 -4.41 -20.49
CA LEU A 21 -19.24 -5.67 -21.11
C LEU A 21 -18.84 -5.65 -22.58
N THR A 22 -18.67 -6.86 -23.13
CA THR A 22 -18.46 -6.96 -24.57
C THR A 22 -19.78 -6.71 -25.32
N ARG A 23 -19.65 -6.32 -26.59
CA ARG A 23 -20.81 -6.12 -27.45
C ARG A 23 -21.50 -7.45 -27.72
N VAL A 24 -22.84 -7.43 -27.75
CA VAL A 24 -23.64 -8.62 -28.03
C VAL A 24 -24.41 -8.37 -29.32
N SER A 25 -24.19 -9.23 -30.31
CA SER A 25 -24.94 -9.13 -31.56
C SER A 25 -26.37 -9.61 -31.36
N GLY A 26 -27.33 -8.74 -31.62
CA GLY A 26 -28.74 -9.10 -31.55
C GLY A 26 -29.54 -8.39 -30.49
N VAL A 27 -28.91 -7.69 -29.57
CA VAL A 27 -29.64 -6.86 -28.63
C VAL A 27 -29.81 -5.47 -29.23
N LYS A 28 -30.77 -4.72 -28.69
CA LYS A 28 -31.03 -3.38 -29.17
C LYS A 28 -29.81 -2.49 -28.92
N PRO A 29 -29.62 -1.45 -29.74
CA PRO A 29 -28.44 -0.58 -29.58
C PRO A 29 -28.28 -0.01 -28.19
N LYS A 30 -29.38 0.26 -27.48
CA LYS A 30 -29.29 0.78 -26.12
C LYS A 30 -28.43 -0.12 -25.23
N TYR A 31 -28.40 -1.42 -25.50
CA TYR A 31 -27.66 -2.36 -24.68
C TYR A 31 -26.23 -2.59 -25.16
N ASN A 32 -25.81 -1.96 -26.24
CA ASN A 32 -24.42 -1.97 -26.65
C ASN A 32 -23.79 -0.59 -26.57
N SER A 33 -24.58 0.43 -26.25
CA SER A 33 -24.08 1.77 -25.99
C SER A 33 -23.27 1.75 -24.72
N GLY A 34 -21.96 1.82 -24.84
CA GLY A 34 -21.10 1.67 -23.69
C GLY A 34 -20.48 0.30 -23.56
N ALA A 35 -20.79 -0.62 -24.45
CA ALA A 35 -20.09 -1.91 -24.52
C ALA A 35 -18.88 -1.78 -25.46
N LEU A 36 -17.96 -2.72 -25.36
CA LEU A 36 -16.73 -2.70 -26.17
C LEU A 36 -16.55 -4.02 -26.91
N HIS A 37 -16.29 -3.92 -28.20
CA HIS A 37 -15.81 -5.05 -28.98
C HIS A 37 -14.28 -5.01 -29.02
N ILE A 38 -13.68 -6.16 -29.34
CA ILE A 38 -12.22 -6.22 -29.40
C ILE A 38 -11.66 -5.21 -30.38
N LYS A 39 -12.37 -4.97 -31.49
CA LYS A 39 -11.90 -3.96 -32.46
C LYS A 39 -11.87 -2.57 -31.85
N ASP A 40 -12.80 -2.25 -30.94
CA ASP A 40 -12.74 -0.97 -30.24
C ASP A 40 -11.52 -0.88 -29.33
N ILE A 41 -11.22 -1.96 -28.60
CA ILE A 41 -10.08 -1.97 -27.67
C ILE A 41 -8.78 -1.70 -28.41
N LEU A 42 -8.61 -2.29 -29.59
CA LEU A 42 -7.37 -2.22 -30.35
C LEU A 42 -7.32 -1.04 -31.30
N SER A 43 -8.36 -0.21 -31.32
N SER A 43 -8.38 -0.23 -31.37
CA SER A 43 -8.46 0.88 -32.27
CA SER A 43 -8.45 0.83 -32.35
C SER A 43 -7.35 1.91 -32.05
C SER A 43 -7.39 1.90 -32.07
N PRO A 44 -6.98 2.65 -33.10
N PRO A 44 -6.99 2.65 -33.10
CA PRO A 44 -5.99 3.74 -32.91
CA PRO A 44 -6.00 3.72 -32.89
C PRO A 44 -6.46 4.80 -31.94
C PRO A 44 -6.46 4.80 -31.94
N LEU A 45 -7.77 4.93 -31.71
CA LEU A 45 -8.28 5.89 -30.74
C LEU A 45 -7.80 5.57 -29.32
N PHE A 46 -7.47 4.32 -29.04
CA PHE A 46 -6.96 3.92 -27.72
C PHE A 46 -5.47 4.11 -27.58
N GLY A 47 -4.74 4.33 -28.66
CA GLY A 47 -3.30 4.50 -28.62
C GLY A 47 -2.67 4.00 -29.90
N THR A 48 -1.46 4.50 -30.17
CA THR A 48 -0.72 4.13 -31.38
C THR A 48 0.13 2.91 -31.03
N LEU A 49 -0.33 1.74 -31.44
CA LEU A 49 0.28 0.48 -31.00
C LEU A 49 1.71 0.33 -31.50
N VAL A 50 2.57 -0.11 -30.59
CA VAL A 50 3.95 -0.48 -30.89
C VAL A 50 4.16 -1.98 -30.77
N SER A 51 3.53 -2.61 -29.79
N SER A 51 3.53 -2.61 -29.79
CA SER A 51 3.62 -4.05 -29.61
CA SER A 51 3.72 -4.02 -29.46
C SER A 51 2.54 -4.43 -28.60
C SER A 51 2.60 -4.44 -28.51
N SER A 52 2.26 -5.73 -28.53
CA SER A 52 1.22 -6.22 -27.63
C SER A 52 1.50 -7.63 -27.18
N ALA A 53 0.98 -7.95 -26.00
CA ALA A 53 0.98 -9.32 -25.49
C ALA A 53 -0.47 -9.74 -25.26
N GLN A 54 -0.81 -10.94 -25.71
CA GLN A 54 -2.15 -11.49 -25.53
C GLN A 54 -2.04 -12.76 -24.70
N PHE A 55 -2.47 -12.68 -23.45
CA PHE A 55 -2.52 -13.80 -22.53
C PHE A 55 -3.89 -14.43 -22.69
N ASN A 56 -3.94 -15.74 -22.91
CA ASN A 56 -5.26 -16.35 -23.05
C ASN A 56 -5.16 -17.87 -22.93
N TYR A 57 -6.32 -18.51 -23.06
CA TYR A 57 -6.43 -19.97 -23.13
C TYR A 57 -6.52 -20.47 -24.56
N CYS A 58 -7.48 -20.00 -25.33
N CYS A 58 -7.50 -19.96 -25.33
CA CYS A 58 -7.55 -20.47 -26.71
CA CYS A 58 -7.79 -20.40 -26.69
C CYS A 58 -7.64 -19.31 -27.67
C CYS A 58 -7.60 -19.22 -27.64
N PHE A 59 -7.03 -19.50 -28.83
CA PHE A 59 -6.75 -18.47 -29.82
C PHE A 59 -7.15 -18.97 -31.20
N ASP A 60 -7.76 -18.09 -31.99
CA ASP A 60 -7.91 -18.27 -33.43
C ASP A 60 -7.03 -17.16 -34.00
N VAL A 61 -5.85 -17.53 -34.49
CA VAL A 61 -4.85 -16.50 -34.80
C VAL A 61 -5.28 -15.69 -36.02
N ASP A 62 -5.84 -16.35 -37.04
CA ASP A 62 -6.29 -15.61 -38.22
C ASP A 62 -7.32 -14.57 -37.83
N TRP A 63 -8.30 -14.96 -37.00
CA TRP A 63 -9.30 -14.01 -36.52
C TRP A 63 -8.67 -12.91 -35.69
N LEU A 64 -7.76 -13.27 -34.79
CA LEU A 64 -7.15 -12.29 -33.89
C LEU A 64 -6.44 -11.18 -34.66
N VAL A 65 -5.64 -11.55 -35.67
CA VAL A 65 -4.89 -10.53 -36.40
C VAL A 65 -5.84 -9.57 -37.11
N LYS A 66 -6.96 -10.09 -37.61
CA LYS A 66 -7.95 -9.24 -38.26
C LYS A 66 -8.63 -8.26 -37.30
N GLN A 67 -8.53 -8.49 -35.98
CA GLN A 67 -9.13 -7.54 -35.05
C GLN A 67 -8.27 -6.32 -34.80
N TYR A 68 -6.98 -6.41 -35.09
CA TYR A 68 -6.10 -5.26 -35.01
C TYR A 68 -6.36 -4.36 -36.20
N PRO A 69 -6.22 -3.05 -36.05
CA PRO A 69 -6.34 -2.14 -37.19
C PRO A 69 -5.35 -2.51 -38.27
N PRO A 70 -5.71 -2.36 -39.55
CA PRO A 70 -4.77 -2.74 -40.63
C PRO A 70 -3.38 -2.15 -40.46
N GLU A 71 -3.29 -0.89 -40.02
CA GLU A 71 -2.00 -0.23 -39.88
C GLU A 71 -1.16 -0.82 -38.76
N PHE A 72 -1.75 -1.60 -37.84
CA PHE A 72 -1.04 -2.16 -36.71
C PHE A 72 -0.84 -3.67 -36.82
N ARG A 73 -1.28 -4.30 -37.92
CA ARG A 73 -1.30 -5.75 -37.98
C ARG A 73 0.08 -6.40 -38.07
N LYS A 74 1.12 -5.63 -38.37
CA LYS A 74 2.47 -6.18 -38.44
C LYS A 74 3.31 -5.83 -37.21
N LYS A 75 2.74 -5.14 -36.24
CA LYS A 75 3.47 -4.88 -35.00
C LYS A 75 3.64 -6.19 -34.23
N PRO A 76 4.71 -6.32 -33.45
CA PRO A 76 4.94 -7.57 -32.71
C PRO A 76 3.77 -7.92 -31.79
N ILE A 77 3.40 -9.20 -31.78
CA ILE A 77 2.38 -9.77 -30.90
C ILE A 77 3.00 -10.98 -30.21
N LEU A 78 2.88 -11.05 -28.90
CA LEU A 78 3.28 -12.22 -28.12
C LEU A 78 2.01 -12.92 -27.65
N LEU A 79 1.89 -14.22 -27.93
CA LEU A 79 0.79 -15.03 -27.44
C LEU A 79 1.28 -15.85 -26.25
N VAL A 80 0.67 -15.64 -25.08
CA VAL A 80 1.02 -16.37 -23.87
C VAL A 80 -0.08 -17.39 -23.62
N HIS A 81 0.30 -18.67 -23.64
CA HIS A 81 -0.66 -19.78 -23.65
C HIS A 81 -0.10 -20.89 -22.77
N GLY A 82 -0.91 -21.93 -22.54
CA GLY A 82 -0.45 -23.06 -21.76
C GLY A 82 -0.41 -24.40 -22.49
N ASP A 83 -0.51 -24.39 -23.82
CA ASP A 83 -0.66 -25.63 -24.58
C ASP A 83 0.62 -26.45 -24.61
N LYS A 84 0.45 -27.77 -24.63
CA LYS A 84 1.55 -28.73 -24.71
C LYS A 84 1.33 -29.67 -25.88
N ARG A 85 2.39 -30.37 -26.26
CA ARG A 85 2.35 -31.53 -27.18
C ARG A 85 1.62 -31.14 -28.47
N GLU A 86 0.60 -31.88 -28.88
CA GLU A 86 -0.05 -31.63 -30.17
C GLU A 86 -0.80 -30.30 -30.16
N ALA A 87 -1.40 -29.93 -29.02
CA ALA A 87 -2.08 -28.64 -28.96
C ALA A 87 -1.07 -27.50 -29.17
N LYS A 88 0.11 -27.62 -28.57
CA LYS A 88 1.14 -26.61 -28.78
C LYS A 88 1.55 -26.55 -30.25
N ALA A 89 1.73 -27.72 -30.89
CA ALA A 89 2.08 -27.74 -32.30
C ALA A 89 1.01 -27.07 -33.15
N HIS A 90 -0.27 -27.30 -32.81
CA HIS A 90 -1.35 -26.68 -33.57
C HIS A 90 -1.31 -25.16 -33.45
N LEU A 91 -1.03 -24.64 -32.25
CA LEU A 91 -0.97 -23.20 -32.08
C LEU A 91 0.20 -22.61 -32.86
N HIS A 92 1.37 -23.26 -32.81
CA HIS A 92 2.50 -22.78 -33.59
C HIS A 92 2.18 -22.78 -35.07
N ALA A 93 1.44 -23.79 -35.54
CA ALA A 93 1.09 -23.85 -36.96
C ALA A 93 0.15 -22.70 -37.34
N GLN A 94 -0.76 -22.33 -36.44
CA GLN A 94 -1.65 -21.19 -36.67
C GLN A 94 -0.85 -19.90 -36.82
N ALA A 95 0.20 -19.75 -36.03
CA ALA A 95 0.92 -18.48 -35.97
C ALA A 95 2.02 -18.36 -37.01
N LYS A 96 2.53 -19.47 -37.51
CA LYS A 96 3.67 -19.44 -38.43
C LYS A 96 3.50 -18.54 -39.65
N PRO A 97 2.32 -18.39 -40.27
CA PRO A 97 2.23 -17.44 -41.40
C PRO A 97 2.49 -15.99 -41.02
N TYR A 98 2.49 -15.65 -39.73
CA TYR A 98 2.64 -14.26 -39.25
C TYR A 98 4.00 -14.12 -38.60
N GLU A 99 4.95 -13.55 -39.34
CA GLU A 99 6.34 -13.45 -38.87
C GLU A 99 6.47 -12.58 -37.63
N ASN A 100 5.52 -11.69 -37.38
CA ASN A 100 5.54 -10.81 -36.22
C ASN A 100 5.00 -11.45 -34.95
N ILE A 101 4.53 -12.69 -35.00
CA ILE A 101 3.94 -13.34 -33.83
C ILE A 101 4.95 -14.25 -33.16
N SER A 102 5.17 -14.04 -31.86
N SER A 102 5.17 -14.05 -31.87
CA SER A 102 5.98 -14.90 -31.00
CA SER A 102 5.97 -14.94 -31.04
C SER A 102 5.06 -15.57 -29.98
C SER A 102 5.08 -15.57 -29.97
N LEU A 103 5.53 -16.68 -29.42
CA LEU A 103 4.74 -17.45 -28.47
C LEU A 103 5.53 -17.68 -27.19
N CYS A 104 4.80 -17.73 -26.08
CA CYS A 104 5.38 -18.05 -24.79
C CYS A 104 4.52 -19.13 -24.16
N GLN A 105 5.11 -20.30 -23.92
CA GLN A 105 4.39 -21.40 -23.28
C GLN A 105 4.58 -21.26 -21.78
N ALA A 106 3.48 -20.96 -21.08
CA ALA A 106 3.53 -20.85 -19.63
C ALA A 106 3.67 -22.23 -19.02
N LYS A 107 4.61 -22.37 -18.09
CA LYS A 107 4.85 -23.67 -17.48
C LYS A 107 3.67 -24.07 -16.60
N LEU A 108 3.26 -25.33 -16.73
CA LEU A 108 2.15 -25.91 -15.95
C LEU A 108 2.70 -27.20 -15.38
N ASP A 109 3.47 -27.09 -14.31
CA ASP A 109 4.20 -28.22 -13.77
C ASP A 109 3.41 -29.01 -12.74
N ILE A 110 2.22 -28.56 -12.38
CA ILE A 110 1.31 -29.34 -11.57
C ILE A 110 0.22 -29.90 -12.47
N ALA A 111 -0.12 -31.17 -12.29
CA ALA A 111 -1.08 -31.84 -13.17
C ALA A 111 -2.42 -31.12 -13.17
N PHE A 112 -3.10 -31.17 -14.32
CA PHE A 112 -4.46 -30.67 -14.49
C PHE A 112 -4.58 -29.16 -14.33
N GLY A 113 -3.50 -28.43 -14.61
CA GLY A 113 -3.56 -26.98 -14.61
C GLY A 113 -3.86 -26.41 -15.98
N THR A 114 -4.30 -25.16 -15.99
CA THR A 114 -4.65 -24.47 -17.22
C THR A 114 -4.08 -23.07 -17.17
N HIS A 115 -3.64 -22.55 -18.32
CA HIS A 115 -3.34 -21.12 -18.43
C HIS A 115 -4.62 -20.40 -18.80
N HIS A 116 -5.33 -19.91 -17.78
CA HIS A 116 -6.68 -19.41 -17.95
C HIS A 116 -6.74 -17.88 -18.05
N THR A 117 -5.75 -17.17 -17.54
CA THR A 117 -5.71 -15.71 -17.53
C THR A 117 -5.96 -15.11 -18.91
N LYS A 118 -6.82 -14.09 -18.95
CA LYS A 118 -7.15 -13.33 -20.15
C LYS A 118 -6.73 -11.88 -19.91
N MET A 119 -5.67 -11.45 -20.57
CA MET A 119 -5.09 -10.13 -20.37
C MET A 119 -4.43 -9.65 -21.66
N MET A 120 -4.55 -8.36 -21.94
CA MET A 120 -3.80 -7.71 -23.01
C MET A 120 -2.83 -6.70 -22.37
N LEU A 121 -1.58 -6.72 -22.81
CA LEU A 121 -0.64 -5.65 -22.53
C LEU A 121 -0.45 -4.92 -23.85
N LEU A 122 -0.73 -3.63 -23.86
CA LEU A 122 -0.76 -2.83 -25.09
C LEU A 122 0.23 -1.70 -24.92
N LEU A 123 1.35 -1.78 -25.62
CA LEU A 123 2.38 -0.74 -25.56
C LEU A 123 2.17 0.21 -26.72
N TYR A 124 2.09 1.50 -26.41
CA TYR A 124 1.83 2.53 -27.39
C TYR A 124 2.99 3.51 -27.46
N GLU A 125 2.95 4.36 -28.51
CA GLU A 125 3.85 5.51 -28.55
C GLU A 125 3.60 6.46 -27.39
N GLU A 126 2.36 6.52 -26.92
CA GLU A 126 1.90 7.47 -25.90
C GLU A 126 1.93 6.90 -24.48
N GLY A 127 2.16 5.61 -24.30
CA GLY A 127 2.11 5.04 -22.96
C GLY A 127 1.83 3.55 -23.03
N LEU A 128 1.23 3.03 -21.96
CA LEU A 128 0.94 1.61 -21.82
C LEU A 128 -0.47 1.43 -21.29
N ARG A 129 -1.16 0.39 -21.76
CA ARG A 129 -2.47 0.05 -21.22
C ARG A 129 -2.50 -1.43 -20.86
N VAL A 130 -3.21 -1.76 -19.78
CA VAL A 130 -3.45 -3.13 -19.36
C VAL A 130 -4.95 -3.39 -19.44
N VAL A 131 -5.33 -4.51 -20.04
CA VAL A 131 -6.73 -4.91 -20.17
C VAL A 131 -6.85 -6.29 -19.53
N ILE A 132 -7.67 -6.42 -18.50
CA ILE A 132 -7.91 -7.71 -17.87
C ILE A 132 -9.36 -8.06 -18.12
N HIS A 133 -9.62 -9.22 -18.71
CA HIS A 133 -10.93 -9.49 -19.26
C HIS A 133 -11.25 -10.98 -19.13
N THR A 134 -12.35 -11.41 -19.76
CA THR A 134 -12.80 -12.79 -19.58
C THR A 134 -12.95 -13.60 -20.87
N SER A 135 -12.67 -13.02 -22.04
CA SER A 135 -12.96 -13.65 -23.32
C SER A 135 -11.76 -14.36 -23.94
N ASN A 136 -11.99 -15.57 -24.48
CA ASN A 136 -11.00 -16.18 -25.36
C ASN A 136 -10.90 -15.40 -26.65
N LEU A 137 -9.80 -15.61 -27.38
CA LEU A 137 -9.55 -14.86 -28.60
C LEU A 137 -10.05 -15.63 -29.83
N ILE A 138 -11.36 -15.86 -29.80
CA ILE A 138 -12.09 -16.53 -30.87
C ILE A 138 -13.40 -15.77 -31.09
N HIS A 139 -13.92 -15.86 -32.31
CA HIS A 139 -15.11 -15.08 -32.68
C HIS A 139 -16.28 -15.31 -31.72
N ALA A 140 -16.54 -16.58 -31.38
CA ALA A 140 -17.73 -16.88 -30.58
C ALA A 140 -17.71 -16.20 -29.21
N ASP A 141 -16.52 -15.97 -28.64
CA ASP A 141 -16.50 -15.41 -27.31
C ASP A 141 -16.87 -13.93 -27.29
N TRP A 142 -16.83 -13.24 -28.43
CA TRP A 142 -17.14 -11.82 -28.49
C TRP A 142 -18.45 -11.57 -29.24
N HIS A 143 -19.18 -12.62 -29.58
CA HIS A 143 -20.35 -12.51 -30.46
C HIS A 143 -21.63 -12.35 -29.64
N GLN A 144 -22.03 -13.39 -28.91
CA GLN A 144 -23.32 -13.34 -28.20
C GLN A 144 -23.20 -13.78 -26.74
N LYS A 145 -22.06 -13.56 -26.10
CA LYS A 145 -21.87 -13.92 -24.70
C LYS A 145 -21.84 -12.67 -23.83
N THR A 146 -22.12 -12.87 -22.54
CA THR A 146 -21.84 -11.84 -21.55
C THR A 146 -20.41 -12.03 -21.06
N GLN A 147 -19.56 -11.04 -21.33
CA GLN A 147 -18.15 -11.07 -20.94
C GLN A 147 -17.79 -9.74 -20.30
N GLY A 148 -16.78 -9.75 -19.44
CA GLY A 148 -16.36 -8.56 -18.71
C GLY A 148 -14.97 -8.09 -19.08
N ILE A 149 -14.77 -6.77 -19.01
CA ILE A 149 -13.50 -6.11 -19.34
C ILE A 149 -13.22 -5.04 -18.29
N TRP A 150 -12.00 -5.03 -17.77
CA TRP A 150 -11.47 -3.86 -17.07
C TRP A 150 -10.41 -3.21 -17.93
N LEU A 151 -10.55 -1.90 -18.17
CA LEU A 151 -9.58 -1.13 -18.96
C LEU A 151 -8.80 -0.24 -18.03
N SER A 152 -7.48 -0.41 -18.01
CA SER A 152 -6.65 0.49 -17.24
C SER A 152 -6.65 1.89 -17.87
N PRO A 153 -6.22 2.89 -17.11
CA PRO A 153 -5.90 4.18 -17.71
C PRO A 153 -4.74 4.05 -18.68
N LEU A 154 -4.54 5.10 -19.48
CA LEU A 154 -3.30 5.22 -20.25
C LEU A 154 -2.19 5.58 -19.28
N TYR A 155 -1.24 4.68 -19.09
CA TYR A 155 -0.15 4.93 -18.18
C TYR A 155 0.99 5.63 -18.92
N PRO A 156 1.40 6.83 -18.51
CA PRO A 156 2.50 7.50 -19.22
C PRO A 156 3.84 6.88 -18.88
N ARG A 157 4.79 7.10 -19.76
CA ARG A 157 6.16 6.67 -19.52
C ARG A 157 6.83 7.59 -18.50
N ILE A 158 7.60 6.99 -17.60
CA ILE A 158 8.45 7.77 -16.70
C ILE A 158 9.67 8.27 -17.49
N ALA A 159 9.97 9.56 -17.35
CA ALA A 159 11.06 10.16 -18.11
C ALA A 159 12.39 9.49 -17.79
N ASP A 160 13.20 9.27 -18.83
CA ASP A 160 14.54 8.72 -18.64
C ASP A 160 15.34 9.62 -17.71
N GLY A 161 15.97 9.03 -16.71
CA GLY A 161 16.69 9.76 -15.70
C GLY A 161 15.88 10.11 -14.47
N THR A 162 14.55 10.10 -14.56
CA THR A 162 13.68 10.36 -13.42
C THR A 162 13.56 9.09 -12.59
N HIS A 163 13.69 9.22 -11.27
CA HIS A 163 13.53 8.11 -10.35
C HIS A 163 12.24 8.29 -9.56
N LYS A 164 11.23 7.49 -9.90
CA LYS A 164 9.99 7.46 -9.13
C LYS A 164 9.47 6.03 -9.18
N SER A 165 8.60 5.69 -8.24
CA SER A 165 8.13 4.32 -8.23
C SER A 165 7.10 4.08 -9.32
N GLY A 166 6.27 5.08 -9.64
CA GLY A 166 5.13 4.82 -10.51
C GLY A 166 4.07 3.91 -9.90
N GLU A 167 4.07 3.78 -8.57
CA GLU A 167 3.20 2.83 -7.89
C GLU A 167 1.88 3.49 -7.47
N SER A 168 0.82 2.68 -7.44
N SER A 168 0.83 2.67 -7.42
CA SER A 168 -0.50 3.12 -7.01
CA SER A 168 -0.51 3.10 -7.01
C SER A 168 -0.76 2.76 -5.56
C SER A 168 -0.73 2.78 -5.54
N PRO A 169 -1.75 3.38 -4.92
CA PRO A 169 -2.09 3.00 -3.55
C PRO A 169 -2.52 1.56 -3.42
N THR A 170 -2.95 0.92 -4.50
CA THR A 170 -3.35 -0.48 -4.46
C THR A 170 -2.19 -1.43 -4.75
N HIS A 171 -0.97 -0.91 -4.96
CA HIS A 171 0.23 -1.72 -5.21
C HIS A 171 0.15 -2.46 -6.53
N PHE A 172 -0.65 -1.96 -7.47
CA PHE A 172 -0.91 -2.69 -8.71
C PHE A 172 0.35 -2.92 -9.54
N LYS A 173 1.27 -1.95 -9.59
CA LYS A 173 2.44 -2.11 -10.44
C LYS A 173 3.32 -3.26 -9.96
N ALA A 174 3.68 -3.24 -8.67
CA ALA A 174 4.48 -4.34 -8.13
C ALA A 174 3.74 -5.66 -8.22
N ASP A 175 2.42 -5.65 -8.03
CA ASP A 175 1.67 -6.90 -8.02
C ASP A 175 1.60 -7.48 -9.43
N LEU A 176 1.44 -6.62 -10.45
CA LEU A 176 1.47 -7.10 -11.83
C LEU A 176 2.85 -7.64 -12.20
N ILE A 177 3.91 -6.95 -11.79
CA ILE A 177 5.25 -7.46 -12.04
C ILE A 177 5.44 -8.81 -11.35
N SER A 178 4.97 -8.95 -10.12
N SER A 178 4.96 -8.95 -10.12
CA SER A 178 5.08 -10.21 -9.40
CA SER A 178 5.10 -10.22 -9.42
C SER A 178 4.36 -11.34 -10.13
C SER A 178 4.36 -11.35 -10.13
N TYR A 179 3.16 -11.06 -10.63
CA TYR A 179 2.41 -12.05 -11.40
C TYR A 179 3.22 -12.49 -12.62
N LEU A 180 3.80 -11.53 -13.35
CA LEU A 180 4.57 -11.89 -14.54
C LEU A 180 5.88 -12.62 -14.19
N MET A 181 6.51 -12.26 -13.07
N MET A 181 6.51 -12.25 -13.07
CA MET A 181 7.75 -12.91 -12.68
CA MET A 181 7.75 -12.89 -12.65
C MET A 181 7.55 -14.39 -12.43
C MET A 181 7.55 -14.38 -12.43
N ALA A 182 6.35 -14.79 -12.02
CA ALA A 182 6.10 -16.20 -11.71
C ALA A 182 6.22 -17.09 -12.93
N TYR A 183 6.08 -16.54 -14.15
CA TYR A 183 6.23 -17.35 -15.35
C TYR A 183 7.67 -17.75 -15.60
N ASN A 184 8.64 -16.97 -15.11
CA ASN A 184 10.05 -17.24 -15.34
C ASN A 184 10.37 -17.32 -16.84
N ALA A 185 9.81 -16.38 -17.61
CA ALA A 185 9.88 -16.44 -19.07
C ALA A 185 10.61 -15.24 -19.65
N PRO A 186 11.56 -15.45 -20.57
CA PRO A 186 12.30 -14.29 -21.10
C PRO A 186 11.43 -13.29 -21.82
N SER A 187 10.42 -13.74 -22.58
CA SER A 187 9.57 -12.79 -23.28
C SER A 187 8.77 -11.94 -22.31
N LEU A 188 8.47 -12.48 -21.13
CA LEU A 188 7.73 -11.70 -20.15
C LEU A 188 8.64 -10.82 -19.30
N LYS A 189 9.92 -11.18 -19.16
CA LYS A 189 10.84 -10.23 -18.55
C LYS A 189 10.92 -8.94 -19.36
N GLU A 190 10.83 -9.05 -20.70
CA GLU A 190 10.79 -7.84 -21.52
C GLU A 190 9.59 -6.98 -21.18
N TRP A 191 8.43 -7.60 -20.95
CA TRP A 191 7.24 -6.84 -20.57
C TRP A 191 7.35 -6.29 -19.15
N ILE A 192 8.00 -7.03 -18.24
CA ILE A 192 8.29 -6.50 -16.91
C ILE A 192 9.09 -5.21 -17.02
N ASP A 193 10.10 -5.19 -17.90
CA ASP A 193 10.92 -4.00 -18.04
C ASP A 193 10.11 -2.84 -18.61
N VAL A 194 9.18 -3.12 -19.53
CA VAL A 194 8.27 -2.09 -20.03
C VAL A 194 7.44 -1.51 -18.89
N ILE A 195 6.84 -2.37 -18.08
CA ILE A 195 6.02 -1.91 -16.97
C ILE A 195 6.83 -1.06 -16.00
N HIS A 196 8.06 -1.48 -15.67
CA HIS A 196 8.93 -0.69 -14.79
C HIS A 196 9.07 0.75 -15.28
N LYS A 197 9.14 0.94 -16.59
CA LYS A 197 9.33 2.27 -17.16
C LYS A 197 8.07 3.13 -17.21
N HIS A 198 6.92 2.63 -16.75
CA HIS A 198 5.68 3.39 -16.84
C HIS A 198 5.12 3.73 -15.46
N ASP A 199 4.27 4.76 -15.43
CA ASP A 199 3.68 5.29 -14.20
C ASP A 199 2.27 4.73 -14.09
N LEU A 200 2.06 3.79 -13.18
CA LEU A 200 0.77 3.13 -12.97
C LEU A 200 0.04 3.68 -11.73
N SER A 201 0.43 4.86 -11.27
CA SER A 201 -0.06 5.35 -9.97
C SER A 201 -1.55 5.65 -9.95
N GLU A 202 -2.18 5.88 -11.10
CA GLU A 202 -3.61 6.17 -11.10
C GLU A 202 -4.48 4.94 -10.91
N THR A 203 -3.90 3.75 -10.81
CA THR A 203 -4.70 2.52 -10.76
C THR A 203 -5.44 2.42 -9.42
N ASN A 204 -6.76 2.18 -9.49
N ASN A 204 -6.74 2.17 -9.47
CA ASN A 204 -7.60 2.13 -8.31
CA ASN A 204 -7.54 2.09 -8.25
C ASN A 204 -8.13 0.74 -7.98
C ASN A 204 -8.26 0.75 -8.12
N VAL A 205 -7.69 -0.29 -8.73
CA VAL A 205 -8.10 -1.68 -8.48
C VAL A 205 -6.93 -2.46 -7.91
N TYR A 206 -7.26 -3.54 -7.20
CA TYR A 206 -6.27 -4.48 -6.70
C TYR A 206 -6.20 -5.70 -7.60
N LEU A 207 -4.99 -6.16 -7.87
CA LEU A 207 -4.81 -7.36 -8.68
C LEU A 207 -4.99 -8.61 -7.83
N ILE A 208 -5.77 -9.57 -8.31
CA ILE A 208 -5.86 -10.88 -7.66
C ILE A 208 -5.50 -11.94 -8.69
N GLY A 209 -4.34 -12.56 -8.52
CA GLY A 209 -3.89 -13.57 -9.44
C GLY A 209 -3.77 -14.93 -8.80
N SER A 210 -3.77 -15.95 -9.64
CA SER A 210 -3.35 -17.30 -9.28
C SER A 210 -2.22 -17.69 -10.21
N THR A 211 -1.25 -18.43 -9.67
N THR A 211 -1.22 -18.38 -9.67
CA THR A 211 -0.17 -19.01 -10.45
CA THR A 211 -0.18 -19.01 -10.46
C THR A 211 0.11 -20.38 -9.86
C THR A 211 0.06 -20.39 -9.88
N PRO A 212 0.55 -21.34 -10.69
CA PRO A 212 0.71 -22.70 -10.17
C PRO A 212 1.79 -22.77 -9.11
N GLY A 213 1.52 -23.55 -8.08
CA GLY A 213 2.56 -23.76 -7.08
C GLY A 213 2.00 -24.26 -5.77
N ARG A 214 2.91 -24.39 -4.81
N ARG A 214 2.91 -24.42 -4.82
CA ARG A 214 2.60 -24.80 -3.45
CA ARG A 214 2.59 -24.80 -3.45
C ARG A 214 3.18 -23.73 -2.54
C ARG A 214 3.17 -23.72 -2.55
N PHE A 215 2.30 -22.91 -1.96
CA PHE A 215 2.70 -21.68 -1.28
C PHE A 215 2.56 -21.83 0.23
N GLN A 216 3.64 -21.51 0.94
CA GLN A 216 3.70 -21.63 2.39
C GLN A 216 4.14 -20.30 2.98
N GLY A 217 3.92 -20.16 4.29
CA GLY A 217 4.44 -19.01 5.02
C GLY A 217 3.96 -17.69 4.42
N SER A 218 4.91 -16.78 4.21
CA SER A 218 4.57 -15.46 3.70
C SER A 218 3.92 -15.55 2.34
N GLN A 219 4.35 -16.50 1.51
CA GLN A 219 3.83 -16.59 0.15
C GLN A 219 2.38 -17.03 0.08
N LYS A 220 1.81 -17.54 1.18
CA LYS A 220 0.45 -18.07 1.12
C LYS A 220 -0.58 -16.99 0.78
N ASP A 221 -0.31 -15.74 1.15
CA ASP A 221 -1.25 -14.66 0.89
C ASP A 221 -1.08 -14.04 -0.49
N ASN A 222 -0.15 -14.53 -1.30
CA ASN A 222 0.12 -13.90 -2.59
C ASN A 222 -0.93 -14.20 -3.65
N TRP A 223 -1.64 -15.33 -3.54
CA TRP A 223 -2.39 -15.84 -4.67
C TRP A 223 -3.74 -16.42 -4.25
N GLY A 224 -4.65 -16.48 -5.21
CA GLY A 224 -5.86 -17.27 -5.03
C GLY A 224 -6.76 -16.75 -3.93
N HIS A 225 -7.46 -17.68 -3.27
CA HIS A 225 -8.44 -17.21 -2.30
C HIS A 225 -7.80 -16.59 -1.08
N PHE A 226 -6.55 -16.95 -0.76
CA PHE A 226 -5.86 -16.31 0.37
C PHE A 226 -5.45 -14.88 0.02
N ARG A 227 -5.16 -14.61 -1.25
CA ARG A 227 -4.94 -13.23 -1.68
C ARG A 227 -6.19 -12.39 -1.47
N LEU A 228 -7.33 -12.90 -1.91
CA LEU A 228 -8.59 -12.18 -1.68
C LEU A 228 -8.81 -11.95 -0.18
N LYS A 229 -8.64 -12.99 0.63
CA LYS A 229 -8.82 -12.88 2.07
C LYS A 229 -7.93 -11.78 2.65
N LYS A 230 -6.66 -11.74 2.24
CA LYS A 230 -5.74 -10.74 2.78
C LYS A 230 -6.18 -9.32 2.43
N LEU A 231 -6.59 -9.10 1.19
CA LEU A 231 -7.05 -7.77 0.77
C LEU A 231 -8.30 -7.35 1.53
N LEU A 232 -9.23 -8.28 1.73
CA LEU A 232 -10.45 -7.96 2.47
C LEU A 232 -10.16 -7.68 3.93
N LYS A 233 -9.20 -8.39 4.52
CA LYS A 233 -8.82 -8.11 5.90
C LYS A 233 -8.19 -6.72 6.03
N ASP A 234 -7.35 -6.35 5.08
CA ASP A 234 -6.54 -5.14 5.18
C ASP A 234 -7.24 -3.89 4.69
N HIS A 235 -8.20 -4.02 3.76
CA HIS A 235 -8.72 -2.85 3.05
C HIS A 235 -10.24 -2.82 3.00
N ALA A 236 -10.91 -3.67 3.75
CA ALA A 236 -12.35 -3.58 3.95
C ALA A 236 -12.63 -3.54 5.44
N SER A 237 -13.83 -3.11 5.79
CA SER A 237 -14.25 -3.02 7.18
C SER A 237 -15.49 -3.86 7.39
N SER A 238 -15.57 -4.48 8.56
CA SER A 238 -16.79 -5.19 8.93
C SER A 238 -17.85 -4.18 9.34
N MET A 239 -19.09 -4.51 9.06
CA MET A 239 -20.22 -3.69 9.44
C MET A 239 -21.09 -4.48 10.41
N PRO A 240 -21.96 -3.82 11.16
CA PRO A 240 -22.93 -4.56 11.97
C PRO A 240 -23.78 -5.43 11.07
N ASN A 241 -24.15 -6.60 11.57
CA ASN A 241 -24.99 -7.54 10.83
C ASN A 241 -24.29 -8.03 9.57
N ALA A 242 -22.95 -8.09 9.60
CA ALA A 242 -22.21 -8.61 8.46
C ALA A 242 -22.61 -10.04 8.10
N GLU A 243 -23.04 -10.82 9.10
CA GLU A 243 -23.46 -12.19 8.85
C GLU A 243 -24.68 -12.26 7.93
N SER A 244 -25.38 -11.13 7.76
CA SER A 244 -26.53 -11.09 6.87
C SER A 244 -26.18 -10.62 5.46
N TRP A 245 -24.94 -10.19 5.20
CA TRP A 245 -24.54 -9.78 3.86
C TRP A 245 -24.16 -11.02 3.06
N PRO A 246 -24.88 -11.36 2.01
CA PRO A 246 -24.57 -12.58 1.26
C PRO A 246 -23.24 -12.49 0.53
N VAL A 247 -22.77 -13.66 0.10
CA VAL A 247 -21.72 -13.80 -0.91
C VAL A 247 -22.39 -14.29 -2.20
N VAL A 248 -22.01 -13.69 -3.32
CA VAL A 248 -22.46 -14.11 -4.65
C VAL A 248 -21.26 -14.50 -5.49
N GLY A 249 -21.32 -15.70 -6.08
CA GLY A 249 -20.34 -16.14 -7.05
C GLY A 249 -21.04 -16.50 -8.34
N GLN A 250 -20.39 -16.19 -9.46
CA GLN A 250 -21.02 -16.30 -10.78
C GLN A 250 -19.94 -16.71 -11.76
N PHE A 251 -20.16 -17.80 -12.51
CA PHE A 251 -19.06 -18.44 -13.21
C PHE A 251 -19.59 -19.27 -14.38
N SER A 252 -18.67 -19.74 -15.23
CA SER A 252 -19.05 -20.53 -16.40
C SER A 252 -18.60 -21.96 -16.35
N SER A 253 -17.95 -22.40 -15.27
CA SER A 253 -17.46 -23.76 -15.19
C SER A 253 -17.34 -24.13 -13.72
N VAL A 254 -17.48 -25.43 -13.44
CA VAL A 254 -17.52 -25.97 -12.08
C VAL A 254 -16.58 -27.16 -12.03
N GLY A 255 -15.64 -27.14 -11.09
CA GLY A 255 -14.75 -28.26 -10.87
C GLY A 255 -15.27 -29.22 -9.80
N SER A 256 -14.46 -30.22 -9.51
N SER A 256 -14.46 -30.23 -9.51
CA SER A 256 -14.78 -31.18 -8.46
CA SER A 256 -14.77 -31.18 -8.46
C SER A 256 -14.50 -30.56 -7.10
C SER A 256 -14.50 -30.53 -7.11
N LEU A 257 -15.55 -30.36 -6.30
CA LEU A 257 -15.42 -29.66 -5.03
C LEU A 257 -15.42 -30.56 -3.81
N GLY A 258 -15.70 -31.85 -3.97
CA GLY A 258 -15.72 -32.76 -2.84
C GLY A 258 -17.10 -33.31 -2.59
N ALA A 259 -17.15 -34.24 -1.64
CA ALA A 259 -18.37 -35.00 -1.39
C ALA A 259 -19.41 -34.23 -0.60
N ASP A 260 -19.04 -33.10 0.02
CA ASP A 260 -20.00 -32.24 0.68
C ASP A 260 -19.41 -30.84 0.79
N GLU A 261 -20.24 -29.91 1.27
CA GLU A 261 -19.85 -28.51 1.29
C GLU A 261 -18.73 -28.23 2.29
N SER A 262 -18.55 -29.09 3.30
CA SER A 262 -17.48 -28.87 4.27
C SER A 262 -16.09 -29.14 3.72
N LYS A 263 -15.97 -29.82 2.58
CA LYS A 263 -14.65 -30.22 2.11
C LYS A 263 -13.85 -29.04 1.58
N TRP A 264 -14.53 -28.05 0.98
CA TRP A 264 -13.82 -26.91 0.41
C TRP A 264 -14.73 -25.69 0.25
N LEU A 265 -15.95 -25.90 -0.27
CA LEU A 265 -16.77 -24.75 -0.66
C LEU A 265 -17.08 -23.86 0.53
N CYS A 266 -17.53 -24.44 1.63
CA CYS A 266 -17.89 -23.62 2.77
C CYS A 266 -16.76 -23.47 3.77
N SER A 267 -15.78 -24.37 3.75
CA SER A 267 -14.73 -24.36 4.77
C SER A 267 -13.62 -23.37 4.44
N GLU A 268 -13.12 -23.37 3.22
CA GLU A 268 -12.10 -22.39 2.87
C GLU A 268 -12.52 -21.35 1.85
N PHE A 269 -13.23 -21.72 0.78
CA PHE A 269 -13.64 -20.75 -0.23
C PHE A 269 -14.57 -19.69 0.36
N LYS A 270 -15.68 -20.14 0.95
CA LYS A 270 -16.63 -19.19 1.53
C LYS A 270 -15.99 -18.41 2.68
N GLU A 271 -15.15 -19.09 3.47
CA GLU A 271 -14.51 -18.43 4.61
C GLU A 271 -13.64 -17.26 4.15
N SER A 272 -12.89 -17.44 3.06
CA SER A 272 -12.14 -16.31 2.51
C SER A 272 -13.08 -15.23 1.99
N MET A 273 -14.16 -15.60 1.29
CA MET A 273 -15.00 -14.58 0.70
C MET A 273 -15.82 -13.80 1.71
N LEU A 274 -16.05 -14.36 2.91
N LEU A 274 -16.05 -14.34 2.90
CA LEU A 274 -16.79 -13.66 3.95
CA LEU A 274 -16.82 -13.60 3.88
C LEU A 274 -15.96 -12.59 4.64
C LEU A 274 -15.96 -12.71 4.78
N THR A 275 -14.65 -12.70 4.57
CA THR A 275 -13.76 -11.89 5.40
C THR A 275 -14.02 -10.40 5.18
N LEU A 276 -14.09 -9.66 6.30
CA LEU A 276 -14.16 -8.20 6.25
C LEU A 276 -13.37 -7.67 7.44
N GLY A 277 -12.30 -6.95 7.16
CA GLY A 277 -11.57 -6.27 8.20
C GLY A 277 -10.71 -7.19 9.04
N LYS A 278 -10.12 -6.60 10.08
CA LYS A 278 -9.07 -7.24 10.85
C LYS A 278 -9.60 -8.01 12.06
N GLU A 279 -10.68 -7.56 12.67
CA GLU A 279 -11.18 -8.21 13.88
C GLU A 279 -12.12 -9.37 13.57
N SER A 286 -20.84 -20.55 9.90
CA SER A 286 -21.30 -19.23 9.45
C SER A 286 -22.68 -19.26 8.81
N SER A 287 -23.47 -18.24 9.12
CA SER A 287 -24.83 -18.10 8.63
C SER A 287 -24.90 -17.28 7.34
N VAL A 288 -23.77 -16.89 6.79
CA VAL A 288 -23.77 -15.99 5.61
C VAL A 288 -24.38 -16.72 4.42
N PRO A 289 -25.41 -16.18 3.79
CA PRO A 289 -25.99 -16.84 2.62
C PRO A 289 -25.01 -16.85 1.45
N LEU A 290 -24.98 -17.97 0.72
CA LEU A 290 -24.11 -18.13 -0.44
C LEU A 290 -24.98 -18.39 -1.66
N TYR A 291 -24.94 -17.48 -2.64
CA TYR A 291 -25.67 -17.60 -3.89
C TYR A 291 -24.67 -17.90 -5.00
N LEU A 292 -24.87 -18.98 -5.73
CA LEU A 292 -24.05 -19.30 -6.88
C LEU A 292 -24.89 -19.20 -8.14
N ILE A 293 -24.42 -18.45 -9.14
CA ILE A 293 -25.17 -18.19 -10.38
C ILE A 293 -24.51 -18.97 -11.51
N TYR A 294 -25.26 -19.89 -12.13
CA TYR A 294 -24.72 -20.73 -13.18
C TYR A 294 -25.89 -21.11 -14.10
N PRO A 295 -25.73 -21.04 -15.42
CA PRO A 295 -26.89 -21.25 -16.31
C PRO A 295 -27.54 -22.62 -16.15
N SER A 296 -28.88 -22.61 -16.07
CA SER A 296 -29.67 -23.83 -16.18
C SER A 296 -29.71 -24.31 -17.64
N VAL A 297 -30.17 -25.55 -17.81
CA VAL A 297 -30.40 -26.07 -19.16
C VAL A 297 -31.35 -25.15 -19.92
N GLU A 298 -32.40 -24.68 -19.26
N GLU A 298 -32.41 -24.69 -19.27
CA GLU A 298 -33.36 -23.81 -19.94
CA GLU A 298 -33.36 -23.83 -19.95
C GLU A 298 -32.73 -22.49 -20.34
C GLU A 298 -32.73 -22.48 -20.35
N ASN A 299 -31.86 -21.93 -19.50
CA ASN A 299 -31.15 -20.71 -19.85
C ASN A 299 -30.36 -20.91 -21.14
N VAL A 300 -29.69 -22.06 -21.28
CA VAL A 300 -28.88 -22.33 -22.46
C VAL A 300 -29.77 -22.55 -23.70
N ARG A 301 -30.81 -23.39 -23.55
CA ARG A 301 -31.68 -23.72 -24.68
C ARG A 301 -32.28 -22.48 -25.31
N THR A 302 -32.72 -21.52 -24.49
CA THR A 302 -33.44 -20.35 -24.99
C THR A 302 -32.51 -19.17 -25.26
N SER A 303 -31.20 -19.39 -25.17
CA SER A 303 -30.21 -18.34 -25.37
C SER A 303 -30.08 -17.96 -26.84
N LEU A 304 -29.38 -16.83 -27.09
CA LEU A 304 -29.16 -16.39 -28.46
C LEU A 304 -28.45 -17.44 -29.29
N GLU A 305 -27.45 -18.11 -28.71
CA GLU A 305 -26.71 -19.13 -29.42
C GLU A 305 -27.42 -20.47 -29.43
N GLY A 306 -28.32 -20.71 -28.49
CA GLY A 306 -28.90 -22.02 -28.35
C GLY A 306 -27.97 -22.96 -27.60
N TYR A 307 -28.23 -24.26 -27.76
CA TYR A 307 -27.38 -25.26 -27.12
C TYR A 307 -25.88 -25.08 -27.37
N PRO A 308 -25.38 -24.63 -28.53
CA PRO A 308 -23.93 -24.41 -28.67
C PRO A 308 -23.32 -23.48 -27.66
N ALA A 309 -24.10 -22.60 -27.02
CA ALA A 309 -23.54 -21.82 -25.92
C ALA A 309 -22.98 -22.72 -24.83
N GLY A 310 -23.55 -23.91 -24.68
CA GLY A 310 -23.09 -24.87 -23.69
C GLY A 310 -21.73 -25.46 -23.97
N GLY A 311 -21.21 -25.29 -25.19
CA GLY A 311 -19.83 -25.66 -25.44
C GLY A 311 -18.84 -24.83 -24.65
N SER A 312 -19.27 -23.67 -24.15
CA SER A 312 -18.45 -22.78 -23.35
C SER A 312 -18.88 -22.75 -21.90
N LEU A 313 -19.66 -23.75 -21.48
CA LEU A 313 -20.07 -23.90 -20.08
C LEU A 313 -19.63 -25.30 -19.63
N PRO A 314 -18.32 -25.48 -19.38
CA PRO A 314 -17.81 -26.83 -19.11
C PRO A 314 -18.13 -27.26 -17.70
N TYR A 315 -19.05 -28.20 -17.58
CA TYR A 315 -19.35 -28.88 -16.34
C TYR A 315 -19.69 -30.30 -16.78
N SER A 316 -18.87 -31.27 -16.40
CA SER A 316 -19.02 -32.62 -16.90
C SER A 316 -19.93 -33.45 -16.01
N ILE A 317 -20.62 -34.42 -16.61
CA ILE A 317 -21.50 -35.29 -15.85
C ILE A 317 -20.72 -36.10 -14.82
N GLN A 318 -19.49 -36.51 -15.15
CA GLN A 318 -18.68 -37.29 -14.23
C GLN A 318 -18.39 -36.50 -12.96
N THR A 319 -18.23 -35.19 -13.07
CA THR A 319 -18.01 -34.35 -11.90
C THR A 319 -19.32 -34.03 -11.19
N ALA A 320 -20.36 -33.69 -11.95
CA ALA A 320 -21.62 -33.25 -11.34
C ALA A 320 -22.26 -34.35 -10.51
N GLU A 321 -22.18 -35.61 -10.99
CA GLU A 321 -22.85 -36.69 -10.30
C GLU A 321 -22.24 -37.01 -8.95
N LYS A 322 -21.04 -36.52 -8.68
CA LYS A 322 -20.39 -36.72 -7.38
C LYS A 322 -20.68 -35.61 -6.39
N GLN A 323 -21.42 -34.57 -6.80
CA GLN A 323 -21.63 -33.41 -5.93
C GLN A 323 -23.02 -32.82 -6.16
N ASN A 324 -24.06 -33.67 -6.16
CA ASN A 324 -25.42 -33.16 -6.32
C ASN A 324 -25.79 -32.18 -5.21
N TRP A 325 -25.15 -32.29 -4.04
CA TRP A 325 -25.39 -31.34 -2.94
C TRP A 325 -25.17 -29.90 -3.39
N LEU A 326 -24.26 -29.69 -4.34
CA LEU A 326 -23.91 -28.34 -4.77
C LEU A 326 -25.06 -27.64 -5.47
N HIS A 327 -25.94 -28.40 -6.14
CA HIS A 327 -26.90 -27.77 -7.03
C HIS A 327 -28.00 -27.03 -6.28
N SER A 328 -28.18 -27.31 -4.99
N SER A 328 -28.18 -27.31 -4.99
CA SER A 328 -29.11 -26.56 -4.17
CA SER A 328 -29.12 -26.55 -4.19
C SER A 328 -28.65 -25.13 -3.90
C SER A 328 -28.69 -25.10 -4.02
N TYR A 329 -27.42 -24.78 -4.27
CA TYR A 329 -26.93 -23.41 -4.19
C TYR A 329 -27.14 -22.63 -5.49
N PHE A 330 -27.61 -23.27 -6.56
CA PHE A 330 -27.57 -22.69 -7.89
C PHE A 330 -28.77 -21.80 -8.18
N HIS A 331 -28.48 -20.68 -8.85
CA HIS A 331 -29.45 -19.68 -9.25
C HIS A 331 -29.30 -19.44 -10.74
N LYS A 332 -30.42 -19.10 -11.37
CA LYS A 332 -30.47 -18.92 -12.82
C LYS A 332 -29.68 -17.68 -13.26
N TRP A 333 -29.27 -17.68 -14.54
CA TRP A 333 -28.72 -16.49 -15.16
C TRP A 333 -29.87 -15.56 -15.56
N SER A 334 -29.81 -14.31 -15.10
CA SER A 334 -30.81 -13.31 -15.46
C SER A 334 -30.10 -11.97 -15.49
N ALA A 335 -30.27 -11.23 -16.58
CA ALA A 335 -29.53 -9.99 -16.75
C ALA A 335 -30.37 -8.97 -17.51
N GLU A 336 -31.62 -8.80 -17.09
CA GLU A 336 -32.45 -7.74 -17.65
C GLU A 336 -31.80 -6.37 -17.51
N THR A 337 -31.06 -6.13 -16.42
CA THR A 337 -30.43 -4.83 -16.20
C THR A 337 -29.52 -4.42 -17.35
N SER A 338 -28.90 -5.40 -18.04
CA SER A 338 -28.00 -5.14 -19.15
C SER A 338 -28.52 -5.72 -20.47
N GLY A 339 -29.78 -6.12 -20.53
CA GLY A 339 -30.36 -6.68 -21.74
C GLY A 339 -29.76 -8.00 -22.16
N ARG A 340 -29.17 -8.74 -21.22
CA ARG A 340 -28.31 -9.88 -21.53
C ARG A 340 -28.79 -11.20 -20.95
N SER A 341 -30.08 -11.34 -20.61
CA SER A 341 -30.56 -12.62 -20.10
C SER A 341 -30.34 -13.76 -21.08
N ASN A 342 -30.31 -13.48 -22.39
CA ASN A 342 -30.17 -14.53 -23.39
C ASN A 342 -28.75 -14.59 -23.94
N ALA A 343 -27.82 -13.81 -23.38
CA ALA A 343 -26.42 -13.84 -23.77
C ALA A 343 -25.67 -14.60 -22.68
N MET A 344 -25.36 -15.87 -22.94
CA MET A 344 -24.88 -16.72 -21.86
C MET A 344 -23.58 -16.19 -21.26
N PRO A 345 -23.39 -16.34 -19.95
CA PRO A 345 -22.23 -15.75 -19.30
C PRO A 345 -20.97 -16.58 -19.51
N HIS A 346 -19.92 -15.90 -19.96
CA HIS A 346 -18.57 -16.40 -19.82
C HIS A 346 -17.73 -15.51 -18.90
N ILE A 347 -18.29 -14.37 -18.50
CA ILE A 347 -17.73 -13.58 -17.40
C ILE A 347 -17.75 -14.39 -16.11
N LYS A 348 -16.84 -14.08 -15.19
CA LYS A 348 -16.87 -14.62 -13.84
C LYS A 348 -16.77 -13.44 -12.89
N THR A 349 -17.65 -13.42 -11.89
CA THR A 349 -17.69 -12.33 -10.92
C THR A 349 -18.01 -12.88 -9.54
N TYR A 350 -17.53 -12.15 -8.53
CA TYR A 350 -17.81 -12.46 -7.14
C TYR A 350 -18.04 -11.14 -6.43
N MET A 351 -18.96 -11.11 -5.49
CA MET A 351 -19.27 -9.85 -4.81
C MET A 351 -19.97 -10.11 -3.48
N ARG A 352 -20.11 -9.04 -2.70
CA ARG A 352 -20.63 -9.10 -1.34
C ARG A 352 -21.74 -8.06 -1.17
N PRO A 353 -22.97 -8.38 -1.59
CA PRO A 353 -24.07 -7.42 -1.45
C PRO A 353 -24.61 -7.34 -0.02
N SER A 354 -25.31 -6.23 0.23
CA SER A 354 -26.03 -6.05 1.46
C SER A 354 -27.27 -6.96 1.50
N PRO A 355 -27.94 -7.10 2.65
CA PRO A 355 -29.08 -8.03 2.72
C PRO A 355 -30.20 -7.73 1.75
N ASP A 356 -30.44 -6.46 1.40
CA ASP A 356 -31.44 -6.10 0.41
C ASP A 356 -30.85 -5.87 -0.97
N PHE A 357 -29.57 -6.19 -1.17
CA PHE A 357 -28.94 -6.14 -2.49
C PHE A 357 -28.85 -4.72 -3.06
N SER A 358 -29.01 -3.69 -2.23
CA SER A 358 -28.95 -2.31 -2.69
C SER A 358 -27.53 -1.76 -2.74
N LYS A 359 -26.61 -2.37 -2.00
CA LYS A 359 -25.22 -1.93 -1.93
C LYS A 359 -24.34 -3.16 -2.02
N ILE A 360 -23.06 -2.94 -2.33
CA ILE A 360 -22.06 -4.02 -2.27
C ILE A 360 -20.82 -3.55 -1.52
N ALA A 361 -20.21 -4.48 -0.79
CA ALA A 361 -18.98 -4.20 -0.06
C ALA A 361 -17.74 -4.32 -0.93
N TRP A 362 -17.83 -5.00 -2.08
CA TRP A 362 -16.73 -5.16 -3.03
C TRP A 362 -17.24 -5.94 -4.24
N PHE A 363 -16.47 -5.90 -5.32
CA PHE A 363 -16.81 -6.58 -6.56
C PHE A 363 -15.52 -7.06 -7.21
N LEU A 364 -15.50 -8.31 -7.69
CA LEU A 364 -14.34 -8.88 -8.38
C LEU A 364 -14.77 -9.39 -9.74
N VAL A 365 -14.05 -9.00 -10.79
CA VAL A 365 -14.16 -9.64 -12.10
C VAL A 365 -12.87 -10.40 -12.36
N THR A 366 -12.98 -11.64 -12.80
CA THR A 366 -11.82 -12.52 -12.87
C THR A 366 -12.02 -13.58 -13.94
N SER A 367 -10.93 -14.29 -14.26
CA SER A 367 -11.02 -15.51 -15.04
C SER A 367 -11.40 -16.71 -14.19
N ALA A 368 -11.33 -16.61 -12.85
CA ALA A 368 -11.45 -17.80 -12.01
C ALA A 368 -12.89 -18.31 -11.92
N ASN A 369 -13.09 -19.58 -12.27
CA ASN A 369 -14.36 -20.27 -12.15
C ASN A 369 -14.48 -20.89 -10.75
N LEU A 370 -15.56 -21.65 -10.50
CA LEU A 370 -15.77 -22.29 -9.20
C LEU A 370 -14.98 -23.60 -9.18
N SER A 371 -13.69 -23.47 -8.88
CA SER A 371 -12.69 -24.52 -9.09
C SER A 371 -11.57 -24.41 -8.06
N LYS A 372 -11.23 -25.54 -7.42
CA LYS A 372 -10.03 -25.60 -6.59
C LYS A 372 -8.76 -25.32 -7.37
N ALA A 373 -8.71 -25.74 -8.65
CA ALA A 373 -7.51 -25.51 -9.47
C ALA A 373 -7.24 -24.02 -9.61
N ALA A 374 -8.30 -23.23 -9.66
CA ALA A 374 -8.21 -21.80 -9.91
C ALA A 374 -7.96 -21.02 -8.63
N TRP A 375 -8.64 -21.38 -7.55
CA TRP A 375 -8.62 -20.60 -6.33
C TRP A 375 -7.64 -21.12 -5.30
N GLY A 376 -7.24 -22.37 -5.41
CA GLY A 376 -6.34 -22.97 -4.45
C GLY A 376 -7.05 -23.84 -3.43
N ALA A 377 -6.36 -24.88 -2.99
CA ALA A 377 -6.83 -25.78 -1.95
C ALA A 377 -5.73 -25.97 -0.93
N LEU A 378 -6.10 -25.93 0.35
CA LEU A 378 -5.12 -26.08 1.41
C LEU A 378 -4.64 -27.52 1.50
N GLU A 379 -3.35 -27.68 1.79
N GLU A 379 -3.36 -27.69 1.81
CA GLU A 379 -2.70 -28.98 1.95
CA GLU A 379 -2.79 -29.01 2.04
C GLU A 379 -1.79 -28.91 3.16
C GLU A 379 -1.74 -28.91 3.13
N LYS A 380 -1.21 -30.06 3.53
CA LYS A 380 -0.21 -30.13 4.60
C LYS A 380 -0.75 -29.54 5.90
N ASN A 381 -1.91 -30.03 6.33
CA ASN A 381 -2.47 -29.64 7.63
C ASN A 381 -2.74 -28.13 7.66
N GLY A 382 -3.17 -27.60 6.51
CA GLY A 382 -3.54 -26.20 6.41
C GLY A 382 -2.39 -25.22 6.27
N THR A 383 -1.17 -25.69 6.05
CA THR A 383 -0.01 -24.80 5.98
C THR A 383 0.39 -24.42 4.55
N GLN A 384 -0.20 -25.05 3.54
CA GLN A 384 0.24 -24.86 2.16
C GLN A 384 -0.98 -24.67 1.28
N LEU A 385 -0.97 -23.63 0.44
CA LEU A 385 -2.03 -23.42 -0.55
C LEU A 385 -1.51 -23.93 -1.88
N MET A 386 -2.18 -24.92 -2.46
CA MET A 386 -1.78 -25.47 -3.74
C MET A 386 -2.73 -24.97 -4.82
N ILE A 387 -2.15 -24.37 -5.87
CA ILE A 387 -2.88 -23.84 -7.01
C ILE A 387 -2.35 -24.52 -8.26
N ARG A 388 -3.25 -24.92 -9.16
CA ARG A 388 -2.83 -25.62 -10.37
C ARG A 388 -2.71 -24.71 -11.59
N SER A 389 -3.39 -23.56 -11.59
CA SER A 389 -3.61 -22.80 -12.83
C SER A 389 -3.16 -21.35 -12.70
N TYR A 390 -3.10 -20.68 -13.85
CA TYR A 390 -2.95 -19.23 -13.93
C TYR A 390 -4.32 -18.61 -14.07
N GLU A 391 -4.62 -17.62 -13.23
CA GLU A 391 -5.86 -16.86 -13.27
C GLU A 391 -5.55 -15.41 -12.95
N LEU A 392 -6.43 -14.50 -13.36
CA LEU A 392 -6.21 -13.10 -13.06
C LEU A 392 -7.52 -12.33 -13.04
N GLY A 393 -7.66 -11.46 -12.03
CA GLY A 393 -8.83 -10.62 -11.90
C GLY A 393 -8.48 -9.32 -11.22
N VAL A 394 -9.46 -8.41 -11.17
CA VAL A 394 -9.30 -7.14 -10.47
C VAL A 394 -10.43 -6.92 -9.48
N LEU A 395 -10.06 -6.44 -8.30
CA LEU A 395 -10.96 -6.24 -7.17
C LEU A 395 -11.23 -4.75 -6.97
N PHE A 396 -12.53 -4.41 -6.94
CA PHE A 396 -13.02 -3.06 -6.66
C PHE A 396 -13.43 -2.99 -5.19
N LEU A 397 -12.70 -2.20 -4.41
CA LEU A 397 -12.98 -2.00 -2.99
C LEU A 397 -13.40 -0.57 -2.75
N PRO A 398 -14.49 -0.34 -2.00
CA PRO A 398 -14.92 1.05 -1.74
C PRO A 398 -13.83 1.94 -1.18
N SER A 399 -12.97 1.42 -0.30
CA SER A 399 -11.91 2.24 0.27
C SER A 399 -10.98 2.81 -0.79
N ALA A 400 -10.80 2.10 -1.90
CA ALA A 400 -9.92 2.61 -2.95
C ALA A 400 -10.53 3.75 -3.73
N PHE A 401 -11.81 4.05 -3.47
CA PHE A 401 -12.51 5.16 -4.12
C PHE A 401 -13.00 6.18 -3.10
N GLY A 402 -12.53 6.10 -1.86
CA GLY A 402 -12.97 7.03 -0.82
C GLY A 402 -14.36 6.78 -0.32
N LEU A 403 -14.84 5.55 -0.37
CA LEU A 403 -16.22 5.20 -0.06
C LEU A 403 -16.26 4.07 0.97
N ASP A 404 -17.42 3.95 1.63
CA ASP A 404 -17.64 2.84 2.57
C ASP A 404 -18.33 1.66 1.91
N SER A 405 -19.09 1.90 0.85
CA SER A 405 -19.75 0.86 0.08
C SER A 405 -20.05 1.44 -1.30
N PHE A 406 -20.42 0.57 -2.23
CA PHE A 406 -20.89 0.99 -3.55
C PHE A 406 -22.38 0.79 -3.62
N LYS A 407 -23.09 1.82 -4.09
N LYS A 407 -23.10 1.80 -4.11
CA LYS A 407 -24.47 1.60 -4.49
CA LYS A 407 -24.50 1.60 -4.46
C LYS A 407 -24.50 0.72 -5.74
C LYS A 407 -24.58 0.82 -5.76
N VAL A 408 -25.54 -0.10 -5.84
CA VAL A 408 -25.72 -0.89 -7.05
C VAL A 408 -26.45 -0.05 -8.09
N LYS A 409 -25.88 0.04 -9.29
CA LYS A 409 -26.54 0.73 -10.39
C LYS A 409 -27.79 -0.03 -10.81
N GLN A 410 -28.91 0.69 -10.91
CA GLN A 410 -30.19 0.01 -11.13
C GLN A 410 -30.30 -0.53 -12.56
N LYS A 411 -29.83 0.23 -13.54
CA LYS A 411 -29.80 -0.21 -14.93
C LYS A 411 -28.38 -0.03 -15.45
N PHE A 412 -27.81 -1.11 -15.97
CA PHE A 412 -26.37 -1.17 -16.23
C PHE A 412 -25.91 -0.04 -17.14
N PHE A 413 -26.69 0.28 -18.18
CA PHE A 413 -26.31 1.29 -19.16
C PHE A 413 -27.00 2.63 -18.93
N ALA A 414 -27.71 2.80 -17.83
CA ALA A 414 -28.42 4.06 -17.57
C ALA A 414 -27.61 4.96 -16.64
N PRO A 419 -25.45 9.43 -9.72
CA PRO A 419 -24.07 9.76 -9.33
C PRO A 419 -23.11 8.61 -9.62
N MET A 420 -22.06 8.89 -10.40
CA MET A 420 -21.18 7.88 -10.96
C MET A 420 -20.56 6.92 -9.95
N ALA A 421 -20.76 7.17 -8.65
CA ALA A 421 -20.26 6.31 -7.58
C ALA A 421 -21.12 5.04 -7.39
N THR A 422 -21.95 4.70 -8.35
CA THR A 422 -22.74 3.48 -8.29
C THR A 422 -22.11 2.43 -9.19
N PHE A 423 -22.02 1.21 -8.68
CA PHE A 423 -21.25 0.22 -9.41
C PHE A 423 -22.12 -0.53 -10.41
N PRO A 424 -21.67 -0.70 -11.65
CA PRO A 424 -22.49 -1.37 -12.68
C PRO A 424 -22.45 -2.90 -12.58
N VAL A 425 -23.29 -3.47 -11.73
CA VAL A 425 -23.45 -4.92 -11.65
C VAL A 425 -24.17 -5.41 -12.90
N PRO A 426 -23.62 -6.37 -13.65
CA PRO A 426 -24.16 -6.65 -14.99
C PRO A 426 -25.31 -7.64 -15.04
N TYR A 427 -25.73 -8.23 -13.92
CA TYR A 427 -26.86 -9.14 -13.87
C TYR A 427 -27.78 -8.77 -12.73
N ASP A 428 -28.95 -9.40 -12.71
CA ASP A 428 -30.03 -8.97 -11.85
C ASP A 428 -29.86 -9.46 -10.41
N LEU A 429 -30.30 -8.62 -9.46
CA LEU A 429 -30.38 -8.97 -8.06
C LEU A 429 -31.80 -8.77 -7.56
N PRO A 430 -32.27 -9.61 -6.62
CA PRO A 430 -31.57 -10.78 -6.08
C PRO A 430 -31.52 -11.90 -7.12
N PRO A 431 -30.56 -12.80 -7.01
CA PRO A 431 -30.54 -13.94 -7.92
C PRO A 431 -31.73 -14.84 -7.64
N GLU A 432 -32.21 -15.51 -8.69
CA GLU A 432 -33.40 -16.36 -8.61
C GLU A 432 -33.01 -17.82 -8.52
N LEU A 433 -33.47 -18.51 -7.49
CA LEU A 433 -33.17 -19.93 -7.31
C LEU A 433 -33.70 -20.74 -8.49
N TYR A 434 -32.94 -21.79 -8.88
CA TYR A 434 -33.48 -22.78 -9.82
C TYR A 434 -34.85 -23.24 -9.34
N GLY A 435 -35.74 -23.47 -10.30
CA GLY A 435 -36.99 -24.12 -9.99
C GLY A 435 -36.82 -25.63 -9.86
N SER A 436 -37.87 -26.29 -9.36
CA SER A 436 -37.76 -27.73 -9.09
C SER A 436 -37.48 -28.52 -10.36
N LYS A 437 -37.90 -28.03 -11.53
CA LYS A 437 -37.65 -28.72 -12.79
C LYS A 437 -36.36 -28.28 -13.47
N ASP A 438 -35.66 -27.28 -12.94
CA ASP A 438 -34.44 -26.83 -13.56
C ASP A 438 -33.28 -27.76 -13.22
N ARG A 439 -32.28 -27.78 -14.09
CA ARG A 439 -31.07 -28.57 -13.86
C ARG A 439 -29.88 -27.73 -14.31
N PRO A 440 -28.71 -27.90 -13.69
CA PRO A 440 -27.55 -27.14 -14.16
C PRO A 440 -27.15 -27.60 -15.55
N TRP A 441 -26.66 -26.67 -16.35
CA TRP A 441 -26.10 -27.08 -17.65
C TRP A 441 -24.92 -28.03 -17.45
N ILE A 442 -25.02 -29.21 -18.05
CA ILE A 442 -23.96 -30.21 -18.05
C ILE A 442 -23.64 -30.49 -19.51
N TRP A 443 -22.39 -30.26 -19.89
CA TRP A 443 -22.09 -30.10 -21.31
C TRP A 443 -21.98 -31.39 -22.11
N ASN A 444 -21.77 -32.54 -21.46
CA ASN A 444 -21.49 -33.78 -22.16
C ASN A 444 -22.58 -34.84 -21.99
N ILE A 445 -23.82 -34.41 -21.82
CA ILE A 445 -24.98 -35.30 -21.90
C ILE A 445 -25.95 -34.72 -22.93
N PRO A 446 -26.80 -35.53 -23.55
CA PRO A 446 -27.69 -35.00 -24.58
C PRO A 446 -28.93 -34.33 -24.00
N TYR A 447 -29.43 -33.35 -24.75
CA TYR A 447 -30.73 -32.72 -24.48
C TYR A 447 -31.54 -32.81 -25.76
N VAL A 448 -32.57 -33.64 -25.77
CA VAL A 448 -33.30 -33.93 -27.00
C VAL A 448 -34.80 -33.81 -26.79
N LYS A 449 -35.21 -33.17 -25.69
CA LYS A 449 -36.63 -33.03 -25.37
C LYS A 449 -37.27 -31.77 -25.92
N ALA A 450 -36.52 -30.67 -26.04
CA ALA A 450 -37.05 -29.42 -26.57
C ALA A 450 -35.94 -28.74 -27.38
N PRO A 451 -36.27 -28.21 -28.55
CA PRO A 451 -35.23 -27.63 -29.42
C PRO A 451 -34.85 -26.22 -28.99
N ASP A 452 -33.68 -25.80 -29.44
CA ASP A 452 -33.13 -24.49 -29.08
C ASP A 452 -33.65 -23.41 -30.02
N THR A 453 -33.13 -22.19 -29.86
CA THR A 453 -33.58 -21.05 -30.66
C THR A 453 -33.21 -21.18 -32.13
N HIS A 454 -32.38 -22.16 -32.50
CA HIS A 454 -32.05 -22.41 -33.88
C HIS A 454 -32.71 -23.67 -34.41
N GLY A 455 -33.55 -24.32 -33.61
CA GLY A 455 -34.28 -25.48 -34.04
C GLY A 455 -33.60 -26.81 -33.81
N ASN A 456 -32.55 -26.85 -33.01
CA ASN A 456 -31.70 -28.03 -32.89
C ASN A 456 -31.73 -28.59 -31.48
N MET A 457 -31.36 -29.87 -31.37
CA MET A 457 -31.09 -30.54 -30.10
C MET A 457 -29.59 -30.50 -29.82
N TRP A 458 -29.20 -31.06 -28.67
CA TRP A 458 -27.80 -31.15 -28.27
C TRP A 458 -27.44 -32.62 -28.13
N VAL A 459 -26.54 -33.09 -29.00
CA VAL A 459 -26.09 -34.48 -29.02
C VAL A 459 -24.56 -34.49 -29.05
N PRO A 460 -23.88 -34.47 -27.90
CA PRO A 460 -22.42 -34.44 -27.81
C PRO A 460 -21.74 -35.61 -28.51
N ASN B 15 16.71 19.17 -3.85
CA ASN B 15 16.24 18.43 -2.69
C ASN B 15 14.98 17.62 -3.01
N PRO B 16 15.13 16.54 -3.80
CA PRO B 16 13.94 15.75 -4.17
C PRO B 16 13.35 14.91 -3.02
N PHE B 17 14.07 14.75 -1.91
CA PHE B 17 13.54 14.05 -0.75
C PHE B 17 12.82 14.99 0.22
N GLN B 18 12.96 16.30 0.01
CA GLN B 18 12.34 17.31 0.86
C GLN B 18 12.71 17.14 2.32
N PHE B 19 13.98 16.80 2.56
CA PHE B 19 14.54 16.69 3.90
C PHE B 19 15.48 17.87 4.07
N TYR B 20 15.24 18.67 5.11
CA TYR B 20 15.96 19.91 5.34
C TYR B 20 16.50 19.95 6.76
N LEU B 21 17.56 20.75 6.95
CA LEU B 21 18.01 21.13 8.27
C LEU B 21 17.54 22.55 8.59
N THR B 22 17.42 22.84 9.88
CA THR B 22 17.12 24.20 10.29
C THR B 22 18.34 25.10 10.13
N ARG B 23 18.08 26.39 10.01
CA ARG B 23 19.15 27.38 9.91
C ARG B 23 19.94 27.45 11.22
N VAL B 24 21.25 27.59 11.12
CA VAL B 24 22.14 27.70 12.27
C VAL B 24 22.81 29.07 12.27
N SER B 25 22.62 29.82 13.35
N SER B 25 22.61 29.83 13.35
CA SER B 25 23.28 31.11 13.48
CA SER B 25 23.29 31.12 13.49
C SER B 25 24.75 30.89 13.87
C SER B 25 24.75 30.89 13.87
N GLY B 26 25.64 31.59 13.18
CA GLY B 26 27.05 31.53 13.50
C GLY B 26 27.88 30.61 12.65
N VAL B 27 27.32 30.05 11.59
CA VAL B 27 28.10 29.32 10.59
C VAL B 27 28.10 30.13 9.31
N LYS B 28 29.05 29.81 8.44
CA LYS B 28 29.15 30.52 7.17
C LYS B 28 27.87 30.35 6.35
N PRO B 29 27.49 31.37 5.58
CA PRO B 29 26.23 31.31 4.82
C PRO B 29 26.05 30.09 3.95
N LYS B 30 27.14 29.54 3.39
CA LYS B 30 27.02 28.38 2.51
C LYS B 30 26.42 27.18 3.23
N TYR B 31 26.53 27.12 4.56
CA TYR B 31 25.94 26.04 5.35
C TYR B 31 24.48 26.29 5.72
N ASN B 32 23.92 27.44 5.35
CA ASN B 32 22.50 27.67 5.49
C ASN B 32 21.80 27.77 4.16
N SER B 33 22.53 27.62 3.05
CA SER B 33 21.93 27.60 1.72
C SER B 33 21.10 26.34 1.60
N GLY B 34 19.79 26.48 1.54
CA GLY B 34 18.93 25.33 1.53
C GLY B 34 18.49 24.83 2.89
N ALA B 35 18.87 25.51 3.97
CA ALA B 35 18.29 25.26 5.27
C ALA B 35 17.03 26.12 5.43
N LEU B 36 16.20 25.76 6.40
CA LEU B 36 14.91 26.42 6.59
C LEU B 36 14.77 26.90 8.02
N HIS B 37 14.34 28.14 8.19
CA HIS B 37 13.90 28.66 9.47
C HIS B 37 12.39 28.53 9.56
N ILE B 38 11.86 28.58 10.79
CA ILE B 38 10.42 28.49 10.96
C ILE B 38 9.69 29.58 10.18
N LYS B 39 10.27 30.79 10.13
CA LYS B 39 9.64 31.87 9.36
C LYS B 39 9.53 31.54 7.87
N ASP B 40 10.49 30.76 7.34
CA ASP B 40 10.39 30.32 5.95
C ASP B 40 9.22 29.37 5.76
N ILE B 41 9.04 28.44 6.71
CA ILE B 41 7.98 27.43 6.59
C ILE B 41 6.60 28.09 6.60
N LEU B 42 6.42 29.12 7.41
CA LEU B 42 5.13 29.78 7.59
C LEU B 42 4.93 30.94 6.60
N SER B 43 5.89 31.19 5.73
CA SER B 43 5.85 32.32 4.81
C SER B 43 4.66 32.21 3.86
N PRO B 44 4.16 33.35 3.35
N PRO B 44 4.16 33.35 3.36
CA PRO B 44 3.09 33.29 2.34
CA PRO B 44 3.09 33.30 2.34
C PRO B 44 3.51 32.59 1.07
C PRO B 44 3.51 32.59 1.07
N LEU B 45 4.82 32.50 0.80
CA LEU B 45 5.30 31.76 -0.36
C LEU B 45 4.97 30.28 -0.29
N PHE B 46 4.76 29.74 0.91
CA PHE B 46 4.37 28.34 1.09
C PHE B 46 2.88 28.11 0.95
N GLY B 47 2.07 29.15 0.99
CA GLY B 47 0.63 29.05 0.87
C GLY B 47 -0.07 30.13 1.67
N THR B 48 -1.33 30.41 1.30
CA THR B 48 -2.15 31.44 1.95
C THR B 48 -2.88 30.79 3.12
N LEU B 49 -2.37 31.00 4.33
CA LEU B 49 -2.78 30.21 5.48
C LEU B 49 -4.20 30.54 5.92
N VAL B 50 -4.96 29.48 6.21
CA VAL B 50 -6.30 29.59 6.75
C VAL B 50 -6.36 29.17 8.21
N SER B 51 -5.62 28.13 8.58
N SER B 51 -5.60 28.13 8.58
CA SER B 51 -5.56 27.64 9.95
CA SER B 51 -5.63 27.54 9.92
C SER B 51 -4.36 26.72 10.06
C SER B 51 -4.42 26.63 10.06
N SER B 52 -3.98 26.42 11.30
CA SER B 52 -2.82 25.55 11.53
C SER B 52 -2.94 24.81 12.86
N ALA B 53 -2.24 23.68 12.93
CA ALA B 53 -2.09 22.89 14.15
C ALA B 53 -0.61 22.71 14.40
N GLN B 54 -0.19 22.92 15.64
CA GLN B 54 1.19 22.74 16.05
C GLN B 54 1.24 21.67 17.14
N PHE B 55 1.73 20.49 16.78
CA PHE B 55 1.98 19.40 17.71
C PHE B 55 3.39 19.57 18.25
N ASN B 56 3.55 19.55 19.56
CA ASN B 56 4.90 19.67 20.10
C ASN B 56 4.94 19.26 21.56
N TYR B 57 6.14 19.36 22.13
CA TYR B 57 6.40 19.14 23.54
C TYR B 57 6.40 20.45 24.33
N CYS B 58 7.25 21.41 23.95
N CYS B 58 7.24 21.41 23.90
CA CYS B 58 7.21 22.67 24.66
CA CYS B 58 7.45 22.69 24.58
C CYS B 58 7.12 23.84 23.69
C CYS B 58 7.13 23.84 23.63
N PHE B 59 6.47 24.89 24.17
CA PHE B 59 6.05 26.03 23.38
C PHE B 59 6.41 27.32 24.10
N ASP B 60 6.89 28.30 23.34
CA ASP B 60 6.93 29.71 23.78
C ASP B 60 5.92 30.40 22.88
N VAL B 61 4.73 30.68 23.42
CA VAL B 61 3.63 31.12 22.57
C VAL B 61 3.88 32.50 22.00
N ASP B 62 4.41 33.42 22.82
CA ASP B 62 4.75 34.75 22.33
C ASP B 62 5.70 34.66 21.14
N TRP B 63 6.75 33.85 21.27
CA TRP B 63 7.70 33.68 20.17
C TRP B 63 7.04 33.02 18.96
N LEU B 64 6.27 31.96 19.21
CA LEU B 64 5.61 31.23 18.12
C LEU B 64 4.76 32.16 17.26
N VAL B 65 3.92 32.98 17.90
CA VAL B 65 3.03 33.83 17.13
C VAL B 65 3.82 34.80 16.26
N LYS B 66 4.95 35.29 16.77
CA LYS B 66 5.80 36.18 16.00
C LYS B 66 6.44 35.50 14.79
N GLN B 67 6.45 34.17 14.73
CA GLN B 67 7.03 33.48 13.58
C GLN B 67 6.05 33.40 12.41
N TYR B 68 4.75 33.57 12.66
CA TYR B 68 3.79 33.63 11.57
C TYR B 68 3.86 35.03 10.96
N PRO B 69 3.70 35.14 9.63
CA PRO B 69 3.65 36.46 9.02
C PRO B 69 2.51 37.28 9.61
N PRO B 70 2.66 38.61 9.67
CA PRO B 70 1.62 39.42 10.32
C PRO B 70 0.22 39.19 9.77
N GLU B 71 0.09 38.97 8.46
CA GLU B 71 -1.22 38.79 7.85
C GLU B 71 -1.87 37.46 8.24
N PHE B 72 -1.08 36.48 8.71
CA PHE B 72 -1.62 35.20 9.14
C PHE B 72 -1.72 35.09 10.66
N ARG B 73 -1.35 36.13 11.39
CA ARG B 73 -1.12 35.98 12.82
C ARG B 73 -2.40 35.80 13.62
N LYS B 74 -3.56 36.13 13.07
CA LYS B 74 -4.82 35.94 13.79
C LYS B 74 -5.63 34.76 13.27
N LYS B 75 -5.08 33.96 12.35
CA LYS B 75 -5.75 32.75 11.93
C LYS B 75 -5.72 31.72 13.05
N PRO B 76 -6.71 30.82 13.12
CA PRO B 76 -6.76 29.86 14.22
C PRO B 76 -5.50 29.00 14.28
N ILE B 77 -5.00 28.81 15.51
CA ILE B 77 -3.89 27.91 15.79
C ILE B 77 -4.34 26.94 16.88
N LEU B 78 -4.12 25.65 16.67
CA LEU B 78 -4.35 24.62 17.67
C LEU B 78 -2.99 24.14 18.17
N LEU B 79 -2.78 24.22 19.49
CA LEU B 79 -1.57 23.69 20.12
C LEU B 79 -1.91 22.32 20.70
N VAL B 80 -1.23 21.29 20.21
CA VAL B 80 -1.41 19.93 20.72
C VAL B 80 -0.21 19.59 21.59
N HIS B 81 -0.46 19.34 22.87
CA HIS B 81 0.59 19.22 23.89
C HIS B 81 0.22 18.09 24.84
N GLY B 82 1.12 17.78 25.77
CA GLY B 82 0.84 16.74 26.76
C GLY B 82 0.89 17.17 28.21
N ASP B 83 0.88 18.49 28.46
CA ASP B 83 1.09 19.00 29.80
C ASP B 83 -0.12 18.73 30.72
N LYS B 84 0.18 18.56 32.01
CA LYS B 84 -0.83 18.34 33.04
C LYS B 84 -0.58 19.29 34.21
N ARG B 85 -1.63 19.46 35.02
CA ARG B 85 -1.55 20.10 36.34
C ARG B 85 -0.99 21.52 36.18
N GLU B 86 0.06 21.89 36.92
CA GLU B 86 0.56 23.26 36.86
C GLU B 86 1.18 23.57 35.51
N ALA B 87 1.85 22.59 34.88
CA ALA B 87 2.42 22.81 33.56
C ALA B 87 1.33 23.15 32.54
N LYS B 88 0.19 22.47 32.63
CA LYS B 88 -0.93 22.77 31.75
C LYS B 88 -1.47 24.17 32.00
N ALA B 89 -1.58 24.56 33.27
CA ALA B 89 -2.03 25.91 33.59
C ALA B 89 -1.11 26.96 33.00
N HIS B 90 0.21 26.73 33.06
CA HIS B 90 1.14 27.72 32.52
C HIS B 90 0.98 27.88 31.02
N LEU B 91 0.76 26.77 30.29
CA LEU B 91 0.57 26.87 28.85
C LEU B 91 -0.69 27.63 28.51
N HIS B 92 -1.78 27.38 29.23
CA HIS B 92 -3.00 28.14 29.02
C HIS B 92 -2.78 29.63 29.28
N ALA B 93 -1.98 29.96 30.31
CA ALA B 93 -1.71 31.37 30.59
C ALA B 93 -0.91 32.01 29.45
N GLN B 94 0.02 31.26 28.85
CA GLN B 94 0.76 31.77 27.70
C GLN B 94 -0.17 32.08 26.54
N ALA B 95 -1.16 31.22 26.30
CA ALA B 95 -2.03 31.35 25.14
C ALA B 95 -3.18 32.34 25.34
N LYS B 96 -3.50 32.68 26.59
CA LYS B 96 -4.68 33.51 26.84
C LYS B 96 -4.73 34.84 26.10
N PRO B 97 -3.63 35.59 25.95
CA PRO B 97 -3.70 36.86 25.20
C PRO B 97 -4.12 36.71 23.74
N TYR B 98 -4.04 35.50 23.16
CA TYR B 98 -4.32 35.28 21.75
C TYR B 98 -5.64 34.50 21.62
N GLU B 99 -6.71 35.23 21.28
CA GLU B 99 -8.04 34.65 21.21
C GLU B 99 -8.17 33.57 20.13
N ASN B 100 -7.27 33.56 19.15
CA ASN B 100 -7.30 32.61 18.05
C ASN B 100 -6.62 31.28 18.37
N ILE B 101 -6.03 31.14 19.56
CA ILE B 101 -5.29 29.94 19.92
C ILE B 101 -6.18 29.04 20.77
N SER B 102 -6.36 27.80 20.30
CA SER B 102 -6.99 26.72 21.03
C SER B 102 -5.93 25.71 21.43
N LEU B 103 -6.24 24.90 22.43
N LEU B 103 -6.24 24.91 22.45
CA LEU B 103 -5.32 23.91 22.97
CA LEU B 103 -5.32 23.91 22.98
C LEU B 103 -5.98 22.54 23.01
C LEU B 103 -5.98 22.55 22.99
N CYS B 104 -5.17 21.51 22.78
CA CYS B 104 -5.61 20.13 22.87
C CYS B 104 -4.60 19.38 23.74
N GLN B 105 -5.06 18.86 24.87
CA GLN B 105 -4.21 18.10 25.78
C GLN B 105 -4.30 16.62 25.40
N ALA B 106 -3.21 16.09 24.87
CA ALA B 106 -3.15 14.69 24.48
C ALA B 106 -3.13 13.82 25.72
N LYS B 107 -4.00 12.81 25.75
CA LYS B 107 -4.09 11.94 26.92
C LYS B 107 -2.81 11.13 27.07
N LEU B 108 -2.30 11.07 28.31
CA LEU B 108 -1.10 10.31 28.63
C LEU B 108 -1.46 9.39 29.80
N ASP B 109 -2.15 8.30 29.49
CA ASP B 109 -2.74 7.45 30.52
C ASP B 109 -1.80 6.36 31.02
N ILE B 110 -0.59 6.26 30.46
CA ILE B 110 0.45 5.40 30.99
C ILE B 110 1.48 6.29 31.65
N ALA B 111 1.96 5.89 32.83
CA ALA B 111 2.85 6.74 33.59
C ALA B 111 4.15 6.99 32.83
N PHE B 112 4.73 8.18 33.06
CA PHE B 112 6.04 8.55 32.53
C PHE B 112 6.05 8.71 31.01
N GLY B 113 4.88 8.99 30.41
CA GLY B 113 4.82 9.25 28.99
C GLY B 113 4.96 10.72 28.65
N THR B 114 5.25 11.00 27.39
N THR B 114 5.27 10.99 27.38
CA THR B 114 5.46 12.35 26.91
CA THR B 114 5.49 12.35 26.91
C THR B 114 4.76 12.52 25.58
C THR B 114 4.81 12.53 25.56
N HIS B 115 4.26 13.73 25.32
CA HIS B 115 3.80 14.07 23.98
C HIS B 115 4.99 14.68 23.25
N HIS B 116 5.70 13.83 22.50
CA HIS B 116 6.98 14.24 21.94
C HIS B 116 6.89 14.64 20.48
N THR B 117 5.86 14.18 19.77
CA THR B 117 5.66 14.45 18.35
C THR B 117 5.76 15.94 18.01
N LYS B 118 6.51 16.24 16.94
CA LYS B 118 6.69 17.59 16.43
C LYS B 118 6.16 17.62 15.00
N MET B 119 5.02 18.27 14.80
CA MET B 119 4.37 18.24 13.51
C MET B 119 3.57 19.52 13.34
N MET B 120 3.55 20.04 12.11
CA MET B 120 2.67 21.15 11.75
C MET B 120 1.67 20.64 10.71
N LEU B 121 0.40 20.97 10.91
CA LEU B 121 -0.61 20.83 9.87
C LEU B 121 -0.97 22.24 9.43
N LEU B 122 -0.82 22.53 8.14
CA LEU B 122 -0.96 23.88 7.61
C LEU B 122 -2.02 23.86 6.53
N LEU B 123 -3.17 24.47 6.80
CA LEU B 123 -4.26 24.51 5.85
C LEU B 123 -4.24 25.86 5.12
N TYR B 124 -4.23 25.81 3.79
CA TYR B 124 -4.17 26.98 2.94
C TYR B 124 -5.42 27.09 2.07
N GLU B 125 -5.58 28.25 1.43
CA GLU B 125 -6.58 28.39 0.39
C GLU B 125 -6.28 27.48 -0.79
N GLU B 126 -5.00 27.15 -0.99
CA GLU B 126 -4.56 26.38 -2.15
C GLU B 126 -4.43 24.89 -1.87
N GLY B 127 -4.53 24.45 -0.61
CA GLY B 127 -4.33 23.04 -0.31
C GLY B 127 -3.91 22.86 1.13
N LEU B 128 -3.20 21.76 1.38
CA LEU B 128 -2.80 21.36 2.73
C LEU B 128 -1.33 20.93 2.70
N ARG B 129 -0.58 21.28 3.75
CA ARG B 129 0.79 20.81 3.90
C ARG B 129 0.96 20.19 5.29
N VAL B 130 1.79 19.15 5.34
CA VAL B 130 2.17 18.48 6.58
C VAL B 130 3.68 18.66 6.74
N VAL B 131 4.12 19.08 7.92
CA VAL B 131 5.54 19.22 8.25
C VAL B 131 5.81 18.33 9.45
N ILE B 132 6.77 17.41 9.33
CA ILE B 132 7.14 16.55 10.44
C ILE B 132 8.61 16.84 10.73
N HIS B 133 8.90 17.23 11.97
CA HIS B 133 10.22 17.82 12.23
C HIS B 133 10.66 17.45 13.65
N THR B 134 11.75 18.06 14.11
CA THR B 134 12.36 17.66 15.38
C THR B 134 12.47 18.78 16.42
N SER B 135 12.02 19.99 16.12
CA SER B 135 12.30 21.17 16.94
C SER B 135 11.12 21.53 17.84
N ASN B 136 11.42 21.84 19.11
CA ASN B 136 10.43 22.49 19.96
C ASN B 136 10.16 23.90 19.46
N LEU B 137 9.02 24.45 19.89
CA LEU B 137 8.61 25.78 19.42
C LEU B 137 9.08 26.87 20.39
N ILE B 138 10.41 26.92 20.52
CA ILE B 138 11.10 27.91 21.33
C ILE B 138 12.32 28.40 20.54
N HIS B 139 12.73 29.63 20.80
CA HIS B 139 13.81 30.24 20.02
C HIS B 139 15.05 29.36 20.01
N ALA B 140 15.42 28.81 21.17
CA ALA B 140 16.69 28.09 21.27
C ALA B 140 16.73 26.86 20.37
N ASP B 141 15.58 26.24 20.10
CA ASP B 141 15.63 25.03 19.27
C ASP B 141 15.87 25.33 17.80
N TRP B 142 15.73 26.59 17.36
CA TRP B 142 15.92 26.93 15.96
C TRP B 142 17.14 27.83 15.76
N HIS B 143 17.95 28.00 16.80
CA HIS B 143 19.04 28.97 16.80
C HIS B 143 20.36 28.34 16.39
N GLN B 144 20.93 27.47 17.24
CA GLN B 144 22.25 26.90 16.99
C GLN B 144 22.28 25.37 17.12
N LYS B 145 21.17 24.71 16.82
CA LYS B 145 21.10 23.25 16.90
C LYS B 145 21.01 22.64 15.52
N THR B 146 21.41 21.37 15.42
CA THR B 146 21.11 20.56 14.24
C THR B 146 19.72 19.93 14.44
N GLN B 147 18.77 20.32 13.58
CA GLN B 147 17.41 19.80 13.60
C GLN B 147 17.01 19.42 12.19
N GLY B 148 16.03 18.52 12.08
CA GLY B 148 15.60 18.00 10.79
C GLY B 148 14.13 18.28 10.52
N ILE B 149 13.81 18.48 9.24
CA ILE B 149 12.47 18.83 8.77
C ILE B 149 12.15 18.01 7.53
N TRP B 150 10.98 17.39 7.51
CA TRP B 150 10.40 16.84 6.27
C TRP B 150 9.22 17.72 5.87
N LEU B 151 9.23 18.22 4.64
CA LEU B 151 8.12 19.00 4.10
C LEU B 151 7.34 18.16 3.10
N SER B 152 6.05 18.02 3.34
CA SER B 152 5.17 17.37 2.38
C SER B 152 5.01 18.25 1.14
N PRO B 153 4.55 17.66 0.02
CA PRO B 153 4.08 18.47 -1.10
C PRO B 153 2.86 19.29 -0.69
N LEU B 154 2.53 20.27 -1.53
CA LEU B 154 1.23 20.93 -1.40
C LEU B 154 0.16 19.95 -1.88
N TYR B 155 -0.69 19.51 -0.96
CA TYR B 155 -1.74 18.55 -1.28
C TYR B 155 -2.98 19.32 -1.73
N PRO B 156 -3.47 19.10 -2.95
CA PRO B 156 -4.68 19.82 -3.39
C PRO B 156 -5.93 19.22 -2.77
N ARG B 157 -6.98 20.03 -2.71
CA ARG B 157 -8.28 19.55 -2.26
C ARG B 157 -8.89 18.65 -3.32
N ILE B 158 -9.54 17.57 -2.86
CA ILE B 158 -10.35 16.77 -3.77
C ILE B 158 -11.62 17.53 -4.08
N ALA B 159 -11.96 17.60 -5.37
CA ALA B 159 -13.17 18.32 -5.78
C ALA B 159 -14.39 17.73 -5.11
N ASP B 160 -15.22 18.59 -4.53
CA ASP B 160 -16.48 18.12 -3.94
C ASP B 160 -17.36 17.53 -5.03
N GLY B 161 -17.97 16.39 -4.70
CA GLY B 161 -18.65 15.57 -5.69
C GLY B 161 -17.78 14.52 -6.33
N THR B 162 -16.45 14.64 -6.23
CA THR B 162 -15.53 13.64 -6.70
C THR B 162 -15.28 12.62 -5.59
N HIS B 163 -15.30 11.34 -5.96
CA HIS B 163 -15.00 10.26 -5.02
C HIS B 163 -13.68 9.62 -5.42
N LYS B 164 -12.61 9.98 -4.71
CA LYS B 164 -11.32 9.33 -4.87
C LYS B 164 -10.69 9.16 -3.49
N SER B 165 -9.75 8.23 -3.38
CA SER B 165 -9.13 7.98 -2.09
C SER B 165 -8.17 9.09 -1.67
N GLY B 166 -7.48 9.69 -2.63
CA GLY B 166 -6.38 10.58 -2.30
C GLY B 166 -5.21 9.91 -1.61
N GLU B 167 -5.09 8.59 -1.77
CA GLU B 167 -4.10 7.81 -1.03
C GLU B 167 -2.82 7.65 -1.85
N SER B 168 -1.69 7.56 -1.14
N SER B 168 -1.69 7.56 -1.14
CA SER B 168 -0.39 7.37 -1.75
CA SER B 168 -0.39 7.37 -1.75
C SER B 168 0.00 5.89 -1.74
C SER B 168 -0.01 5.89 -1.75
N PRO B 169 0.98 5.50 -2.57
CA PRO B 169 1.46 4.11 -2.49
C PRO B 169 2.05 3.75 -1.13
N THR B 170 2.42 4.73 -0.31
CA THR B 170 2.93 4.45 1.02
C THR B 170 1.85 4.44 2.10
N HIS B 171 0.58 4.61 1.73
CA HIS B 171 -0.54 4.59 2.67
C HIS B 171 -0.49 5.76 3.66
N PHE B 172 0.21 6.83 3.30
CA PHE B 172 0.44 7.93 4.23
C PHE B 172 -0.86 8.57 4.71
N LYS B 173 -1.86 8.71 3.83
CA LYS B 173 -3.09 9.40 4.22
C LYS B 173 -3.82 8.63 5.32
N ALA B 174 -4.11 7.36 5.07
CA ALA B 174 -4.74 6.53 6.09
C ALA B 174 -3.89 6.44 7.36
N ASP B 175 -2.57 6.34 7.20
CA ASP B 175 -1.73 6.19 8.38
C ASP B 175 -1.69 7.46 9.23
N LEU B 176 -1.69 8.63 8.58
CA LEU B 176 -1.76 9.88 9.33
C LEU B 176 -3.10 10.01 10.05
N ILE B 177 -4.20 9.66 9.37
CA ILE B 177 -5.51 9.70 10.02
C ILE B 177 -5.54 8.75 11.21
N SER B 178 -4.99 7.54 11.04
N SER B 178 -4.98 7.54 11.05
CA SER B 178 -4.94 6.58 12.14
CA SER B 178 -4.95 6.59 12.16
C SER B 178 -4.16 7.15 13.34
C SER B 178 -4.15 7.12 13.34
N TYR B 179 -3.05 7.81 13.06
CA TYR B 179 -2.26 8.43 14.13
C TYR B 179 -3.09 9.47 14.88
N LEU B 180 -3.79 10.32 14.14
CA LEU B 180 -4.62 11.33 14.79
C LEU B 180 -5.82 10.72 15.52
N MET B 181 -6.39 9.64 14.99
N MET B 181 -6.38 9.62 15.00
CA MET B 181 -7.53 9.02 15.65
CA MET B 181 -7.53 9.01 15.63
C MET B 181 -7.18 8.51 17.04
C MET B 181 -7.19 8.48 17.02
N ALA B 182 -5.93 8.12 17.25
CA ALA B 182 -5.52 7.57 18.55
C ALA B 182 -5.66 8.59 19.67
N TYR B 183 -5.68 9.89 19.36
CA TYR B 183 -5.83 10.90 20.40
C TYR B 183 -7.24 10.94 20.95
N ASN B 184 -8.23 10.55 20.15
CA ASN B 184 -9.63 10.58 20.59
C ASN B 184 -10.04 12.00 21.02
N ALA B 185 -9.65 12.99 20.22
CA ALA B 185 -9.80 14.39 20.57
C ALA B 185 -10.72 15.09 19.57
N PRO B 186 -11.71 15.85 20.03
CA PRO B 186 -12.60 16.53 19.07
C PRO B 186 -11.90 17.53 18.18
N SER B 187 -10.92 18.28 18.70
CA SER B 187 -10.22 19.23 17.86
C SER B 187 -9.43 18.53 16.77
N LEU B 188 -8.99 17.30 17.01
CA LEU B 188 -8.25 16.57 15.99
C LEU B 188 -9.16 15.83 15.01
N LYS B 189 -10.38 15.49 15.42
CA LYS B 189 -11.34 14.98 14.44
C LYS B 189 -11.60 16.02 13.35
N GLU B 190 -11.58 17.31 13.71
CA GLU B 190 -11.72 18.35 12.69
C GLU B 190 -10.58 18.30 11.69
N TRP B 191 -9.35 18.06 12.16
CA TRP B 191 -8.23 17.97 11.23
C TRP B 191 -8.27 16.68 10.44
N ILE B 192 -8.77 15.58 11.02
CA ILE B 192 -8.98 14.36 10.24
C ILE B 192 -9.90 14.64 9.07
N ASP B 193 -11.00 15.36 9.32
CA ASP B 193 -11.93 15.69 8.24
C ASP B 193 -11.27 16.55 7.17
N VAL B 194 -10.38 17.46 7.56
CA VAL B 194 -9.62 18.23 6.59
C VAL B 194 -8.75 17.32 5.74
N ILE B 195 -8.03 16.41 6.38
CA ILE B 195 -7.16 15.50 5.63
C ILE B 195 -7.97 14.66 4.65
N HIS B 196 -9.13 14.16 5.09
CA HIS B 196 -9.99 13.36 4.21
C HIS B 196 -10.29 14.09 2.91
N LYS B 197 -10.44 15.41 2.95
CA LYS B 197 -10.83 16.20 1.79
C LYS B 197 -9.66 16.51 0.86
N HIS B 198 -8.44 16.08 1.17
CA HIS B 198 -7.27 16.41 0.36
C HIS B 198 -6.65 15.17 -0.27
N ASP B 199 -5.91 15.42 -1.35
CA ASP B 199 -5.27 14.38 -2.16
C ASP B 199 -3.80 14.31 -1.73
N LEU B 200 -3.45 13.25 -1.01
CA LEU B 200 -2.10 13.05 -0.50
C LEU B 200 -1.32 12.01 -1.33
N SER B 201 -1.77 11.74 -2.56
CA SER B 201 -1.24 10.63 -3.33
C SER B 201 0.21 10.81 -3.74
N GLU B 202 0.72 12.05 -3.75
CA GLU B 202 2.12 12.25 -4.14
C GLU B 202 3.12 11.89 -3.05
N THR B 203 2.66 11.50 -1.86
CA THR B 203 3.56 11.27 -0.72
C THR B 203 4.39 10.02 -0.94
N ASN B 204 5.71 10.17 -0.81
N ASN B 204 5.71 10.14 -0.79
CA ASN B 204 6.66 9.08 -1.05
CA ASN B 204 6.60 9.01 -1.02
C ASN B 204 7.31 8.54 0.21
C ASN B 204 7.41 8.65 0.22
N VAL B 205 6.94 9.04 1.39
CA VAL B 205 7.49 8.58 2.67
C VAL B 205 6.43 7.75 3.39
N TYR B 206 6.90 6.86 4.27
CA TYR B 206 6.04 6.10 5.17
C TYR B 206 6.01 6.74 6.54
N LEU B 207 4.83 6.78 7.15
CA LEU B 207 4.69 7.32 8.50
C LEU B 207 5.04 6.26 9.53
N ILE B 208 5.85 6.63 10.53
CA ILE B 208 6.13 5.74 11.66
C ILE B 208 5.80 6.50 12.94
N GLY B 209 4.72 6.12 13.59
CA GLY B 209 4.31 6.79 14.81
C GLY B 209 4.34 5.88 16.02
N SER B 210 4.35 6.51 17.19
CA SER B 210 4.10 5.84 18.45
C SER B 210 2.95 6.57 19.12
N THR B 211 2.08 5.81 19.78
N THR B 211 2.08 5.81 19.77
CA THR B 211 1.00 6.33 20.60
CA THR B 211 1.03 6.36 20.61
C THR B 211 0.93 5.50 21.87
C THR B 211 0.94 5.51 21.86
N PRO B 212 0.51 6.08 22.99
CA PRO B 212 0.50 5.32 24.24
C PRO B 212 -0.49 4.17 24.18
N GLY B 213 -0.08 3.03 24.72
CA GLY B 213 -0.98 1.90 24.82
C GLY B 213 -0.27 0.59 25.04
N ARG B 214 -1.09 -0.47 25.11
N ARG B 214 -1.09 -0.47 25.11
CA ARG B 214 -0.61 -1.84 25.21
CA ARG B 214 -0.61 -1.84 25.21
C ARG B 214 -1.26 -2.59 24.05
C ARG B 214 -1.25 -2.61 24.07
N PHE B 215 -0.46 -2.86 23.02
CA PHE B 215 -0.98 -3.38 21.76
C PHE B 215 -0.71 -4.87 21.64
N GLN B 216 -1.74 -5.62 21.27
CA GLN B 216 -1.67 -7.07 21.15
C GLN B 216 -2.06 -7.47 19.73
N GLY B 217 -1.69 -8.71 19.38
CA GLY B 217 -2.02 -9.22 18.06
C GLY B 217 -1.43 -8.37 16.96
N SER B 218 -2.20 -8.22 15.88
CA SER B 218 -1.73 -7.46 14.73
C SER B 218 -1.61 -5.98 15.04
N GLN B 219 -2.31 -5.47 16.06
CA GLN B 219 -2.17 -4.08 16.44
C GLN B 219 -0.74 -3.75 16.86
N LYS B 220 0.05 -4.75 17.26
CA LYS B 220 1.46 -4.49 17.56
C LYS B 220 2.19 -3.87 16.38
N ASP B 221 1.82 -4.24 15.16
CA ASP B 221 2.52 -3.75 13.98
C ASP B 221 2.19 -2.30 13.64
N ASN B 222 1.27 -1.67 14.37
CA ASN B 222 0.86 -0.30 14.03
C ASN B 222 1.84 0.77 14.50
N TRP B 223 2.66 0.49 15.52
CA TRP B 223 3.35 1.57 16.22
C TRP B 223 4.78 1.16 16.57
N GLY B 224 5.62 2.17 16.78
CA GLY B 224 6.95 1.97 17.36
C GLY B 224 7.84 1.07 16.53
N HIS B 225 8.68 0.30 17.23
CA HIS B 225 9.68 -0.48 16.51
C HIS B 225 9.08 -1.64 15.73
N PHE B 226 7.90 -2.15 16.15
CA PHE B 226 7.23 -3.17 15.35
C PHE B 226 6.66 -2.59 14.05
N ARG B 227 6.28 -1.31 14.06
CA ARG B 227 5.86 -0.66 12.83
C ARG B 227 7.03 -0.53 11.85
N LEU B 228 8.20 -0.12 12.35
CA LEU B 228 9.39 -0.11 11.51
C LEU B 228 9.69 -1.49 10.96
N LYS B 229 9.67 -2.52 11.82
CA LYS B 229 9.95 -3.88 11.38
C LYS B 229 9.01 -4.33 10.25
N LYS B 230 7.71 -4.05 10.40
CA LYS B 230 6.75 -4.46 9.38
C LYS B 230 7.00 -3.77 8.05
N LEU B 231 7.34 -2.47 8.09
CA LEU B 231 7.63 -1.75 6.85
C LEU B 231 8.88 -2.29 6.16
N LEU B 232 9.92 -2.59 6.94
CA LEU B 232 11.14 -3.12 6.36
C LEU B 232 10.94 -4.53 5.82
N LYS B 233 10.07 -5.32 6.46
CA LYS B 233 9.77 -6.64 5.94
C LYS B 233 9.01 -6.55 4.63
N ASP B 234 8.06 -5.62 4.52
CA ASP B 234 7.17 -5.56 3.37
C ASP B 234 7.72 -4.76 2.21
N HIS B 235 8.60 -3.78 2.45
CA HIS B 235 8.95 -2.81 1.42
C HIS B 235 10.45 -2.62 1.25
N ALA B 236 11.27 -3.46 1.88
CA ALA B 236 12.71 -3.49 1.64
C ALA B 236 13.11 -4.92 1.29
N SER B 237 14.28 -5.04 0.67
CA SER B 237 14.80 -6.33 0.26
C SER B 237 16.13 -6.59 0.96
N SER B 238 16.39 -7.86 1.28
CA SER B 238 17.68 -8.21 1.84
C SER B 238 18.67 -8.45 0.71
N MET B 239 19.88 -7.92 0.88
CA MET B 239 20.97 -8.03 -0.07
C MET B 239 21.99 -9.05 0.42
N PRO B 240 22.89 -9.48 -0.46
CA PRO B 240 23.97 -10.36 -0.01
C PRO B 240 24.83 -9.71 1.07
N ASN B 241 25.22 -10.51 2.05
CA ASN B 241 26.00 -10.06 3.20
C ASN B 241 25.35 -8.86 3.89
N ALA B 242 24.03 -8.92 4.05
CA ALA B 242 23.33 -7.93 4.85
C ALA B 242 23.85 -7.87 6.28
N GLU B 243 24.38 -8.99 6.77
CA GLU B 243 24.98 -9.02 8.10
C GLU B 243 26.09 -7.98 8.26
N SER B 244 26.67 -7.54 7.15
CA SER B 244 27.74 -6.56 7.14
C SER B 244 27.25 -5.12 7.09
N TRP B 245 25.95 -4.89 6.84
CA TRP B 245 25.42 -3.53 6.78
C TRP B 245 25.09 -3.06 8.19
N PRO B 246 25.77 -2.04 8.71
CA PRO B 246 25.52 -1.59 10.08
C PRO B 246 24.13 -0.97 10.23
N VAL B 247 23.74 -0.81 11.49
CA VAL B 247 22.64 0.05 11.90
C VAL B 247 23.23 1.25 12.61
N VAL B 248 22.75 2.43 12.27
CA VAL B 248 23.16 3.67 12.92
C VAL B 248 21.94 4.31 13.58
N GLY B 249 22.06 4.64 14.86
CA GLY B 249 21.04 5.40 15.57
C GLY B 249 21.67 6.67 16.11
N GLN B 250 20.92 7.76 16.07
CA GLN B 250 21.44 9.08 16.41
C GLN B 250 20.33 9.87 17.10
N PHE B 251 20.60 10.40 18.30
CA PHE B 251 19.51 10.85 19.18
C PHE B 251 20.01 11.90 20.16
N SER B 252 19.07 12.54 20.87
CA SER B 252 19.41 13.58 21.84
C SER B 252 19.15 13.19 23.29
N SER B 253 18.62 12.00 23.55
CA SER B 253 18.29 11.56 24.89
C SER B 253 18.35 10.04 24.94
N VAL B 254 18.60 9.53 26.14
CA VAL B 254 18.77 8.09 26.39
C VAL B 254 17.92 7.72 27.59
N GLY B 255 17.07 6.71 27.42
CA GLY B 255 16.30 6.18 28.53
C GLY B 255 16.98 5.01 29.22
N SER B 256 16.29 4.44 30.20
CA SER B 256 16.79 3.28 30.91
C SER B 256 16.54 2.04 30.06
N LEU B 257 17.63 1.39 29.61
CA LEU B 257 17.54 0.28 28.66
C LEU B 257 17.68 -1.09 29.30
N GLY B 258 18.12 -1.17 30.56
CA GLY B 258 18.27 -2.43 31.25
C GLY B 258 19.70 -2.70 31.66
N ALA B 259 19.89 -3.84 32.34
CA ALA B 259 21.17 -4.16 32.95
C ALA B 259 22.21 -4.63 31.95
N ASP B 260 21.81 -5.01 30.74
CA ASP B 260 22.74 -5.38 29.69
C ASP B 260 22.02 -5.28 28.35
N GLU B 261 22.78 -5.44 27.27
CA GLU B 261 22.23 -5.23 25.93
C GLU B 261 21.15 -6.23 25.57
N SER B 262 21.13 -7.41 26.20
CA SER B 262 20.16 -8.43 25.86
C SER B 262 18.75 -8.11 26.37
N LYS B 263 18.59 -7.15 27.27
CA LYS B 263 17.27 -6.92 27.85
C LYS B 263 16.34 -6.19 26.88
N TRP B 264 16.89 -5.34 26.00
CA TRP B 264 16.06 -4.62 25.04
C TRP B 264 16.84 -4.14 23.82
N LEU B 265 18.03 -3.55 24.03
CA LEU B 265 18.72 -2.87 22.93
C LEU B 265 19.02 -3.82 21.77
N CYS B 266 19.65 -4.95 22.06
CA CYS B 266 20.01 -5.87 21.00
C CYS B 266 18.96 -6.94 20.76
N SER B 267 18.13 -7.24 21.76
CA SER B 267 17.17 -8.32 21.60
C SER B 267 15.97 -7.90 20.76
N GLU B 268 15.38 -6.74 21.05
CA GLU B 268 14.21 -6.32 20.29
C GLU B 268 14.39 -5.04 19.49
N PHE B 269 15.08 -4.03 20.00
CA PHE B 269 15.29 -2.81 19.22
C PHE B 269 16.14 -3.06 17.99
N LYS B 270 17.35 -3.60 18.18
CA LYS B 270 18.23 -3.87 17.05
C LYS B 270 17.63 -4.92 16.12
N GLU B 271 16.91 -5.90 16.69
CA GLU B 271 16.30 -6.94 15.86
C GLU B 271 15.30 -6.35 14.88
N SER B 272 14.52 -5.35 15.31
CA SER B 272 13.62 -4.70 14.37
C SER B 272 14.37 -3.89 13.34
N MET B 273 15.44 -3.21 13.76
N MET B 273 15.43 -3.20 13.76
CA MET B 273 16.16 -2.32 12.87
CA MET B 273 16.16 -2.32 12.86
C MET B 273 16.94 -3.07 11.80
C MET B 273 16.97 -3.05 11.81
N LEU B 274 17.35 -4.30 12.07
CA LEU B 274 18.12 -5.06 11.09
C LEU B 274 17.24 -5.83 10.11
N THR B 275 15.92 -5.71 10.24
CA THR B 275 15.02 -6.45 9.37
C THR B 275 15.12 -5.94 7.93
N LEU B 276 15.19 -6.87 6.98
CA LEU B 276 15.10 -6.55 5.56
C LEU B 276 14.37 -7.70 4.88
N GLY B 277 13.23 -7.41 4.26
CA GLY B 277 12.54 -8.40 3.48
C GLY B 277 11.81 -9.43 4.32
N LYS B 278 11.32 -10.47 3.65
CA LYS B 278 10.37 -11.41 4.22
C LYS B 278 10.95 -12.76 4.57
N GLU B 279 12.24 -13.01 4.32
CA GLU B 279 12.81 -14.28 4.71
C GLU B 279 13.01 -14.33 6.23
N SER B 280 13.08 -15.54 6.77
CA SER B 280 13.22 -15.73 8.21
C SER B 280 14.65 -15.48 8.67
N SER B 286 23.16 -12.04 16.23
CA SER B 286 23.44 -11.20 15.07
C SER B 286 24.75 -10.46 15.20
N SER B 287 25.57 -10.50 14.16
CA SER B 287 26.84 -9.79 14.12
C SER B 287 26.72 -8.43 13.42
N VAL B 288 25.50 -7.95 13.20
CA VAL B 288 25.33 -6.63 12.58
C VAL B 288 25.92 -5.57 13.50
N PRO B 289 26.82 -4.71 13.01
CA PRO B 289 27.35 -3.66 13.88
C PRO B 289 26.31 -2.60 14.19
N LEU B 290 26.33 -2.12 15.43
CA LEU B 290 25.40 -1.08 15.88
C LEU B 290 26.20 0.13 16.31
N TYR B 291 25.98 1.26 15.63
CA TYR B 291 26.66 2.53 15.92
C TYR B 291 25.62 3.47 16.51
N LEU B 292 25.87 3.98 17.71
CA LEU B 292 24.99 4.95 18.34
C LEU B 292 25.74 6.27 18.45
N ILE B 293 25.14 7.34 17.92
CA ILE B 293 25.78 8.67 17.87
C ILE B 293 25.11 9.55 18.91
N TYR B 294 25.91 10.04 19.86
CA TYR B 294 25.40 10.86 20.94
C TYR B 294 26.53 11.77 21.43
N PRO B 295 26.28 13.07 21.64
CA PRO B 295 27.38 13.99 21.96
C PRO B 295 28.15 13.61 23.21
N SER B 296 29.47 13.63 23.10
CA SER B 296 30.33 13.53 24.27
C SER B 296 30.32 14.85 25.04
N VAL B 297 30.88 14.81 26.25
CA VAL B 297 31.06 16.03 27.02
C VAL B 297 31.88 17.04 26.23
N GLU B 298 32.95 16.58 25.58
N GLU B 298 32.95 16.58 25.59
CA GLU B 298 33.79 17.49 24.80
CA GLU B 298 33.78 17.48 24.81
C GLU B 298 33.02 18.11 23.64
C GLU B 298 33.02 18.11 23.66
N ASN B 299 32.17 17.32 22.98
CA ASN B 299 31.35 17.86 21.89
C ASN B 299 30.49 19.01 22.39
N VAL B 300 29.87 18.84 23.57
CA VAL B 300 29.02 19.89 24.12
C VAL B 300 29.85 21.09 24.54
N ARG B 301 30.98 20.84 25.23
CA ARG B 301 31.79 21.92 25.80
C ARG B 301 32.24 22.91 24.73
N THR B 302 32.63 22.41 23.55
CA THR B 302 33.16 23.26 22.49
C THR B 302 32.12 23.64 21.45
N SER B 303 30.84 23.41 21.74
CA SER B 303 29.77 23.69 20.79
C SER B 303 29.54 25.20 20.66
N LEU B 304 28.73 25.60 19.67
CA LEU B 304 28.38 27.01 19.53
C LEU B 304 27.73 27.55 20.80
N GLU B 305 26.93 26.73 21.48
CA GLU B 305 26.26 27.19 22.69
C GLU B 305 27.07 26.95 23.96
N GLY B 306 28.06 26.07 23.90
CA GLY B 306 28.75 25.68 25.12
C GLY B 306 27.90 24.71 25.92
N TYR B 307 28.20 24.63 27.22
CA TYR B 307 27.47 23.71 28.10
C TYR B 307 25.96 23.85 28.06
N PRO B 308 25.37 25.04 27.89
CA PRO B 308 23.91 25.11 27.82
C PRO B 308 23.28 24.30 26.71
N ALA B 309 24.01 23.93 25.65
CA ALA B 309 23.46 22.97 24.70
C ALA B 309 23.02 21.69 25.41
N GLY B 310 23.70 21.35 26.51
CA GLY B 310 23.39 20.14 27.24
C GLY B 310 22.08 20.19 28.00
N GLY B 311 21.49 21.37 28.14
CA GLY B 311 20.12 21.45 28.65
C GLY B 311 19.12 20.75 27.74
N SER B 312 19.47 20.54 26.47
CA SER B 312 18.60 19.87 25.52
C SER B 312 19.14 18.50 25.13
N LEU B 313 19.99 17.93 25.98
CA LEU B 313 20.52 16.58 25.82
C LEU B 313 20.25 15.84 27.11
N PRO B 314 18.98 15.46 27.37
CA PRO B 314 18.61 14.87 28.66
C PRO B 314 19.05 13.41 28.74
N TYR B 315 20.09 13.18 29.53
CA TYR B 315 20.52 11.85 29.94
C TYR B 315 20.96 12.04 31.37
N SER B 316 20.28 11.39 32.31
CA SER B 316 20.51 11.64 33.73
C SER B 316 21.55 10.68 34.29
N ILE B 317 22.25 11.13 35.33
CA ILE B 317 23.26 10.28 35.96
C ILE B 317 22.63 9.04 36.58
N GLN B 318 21.41 9.19 37.11
CA GLN B 318 20.72 8.05 37.73
C GLN B 318 20.49 6.93 36.71
N THR B 319 20.17 7.31 35.48
CA THR B 319 19.98 6.32 34.41
C THR B 319 21.31 5.80 33.88
N ALA B 320 22.27 6.71 33.63
CA ALA B 320 23.53 6.32 33.01
C ALA B 320 24.32 5.35 33.87
N GLU B 321 24.33 5.56 35.19
CA GLU B 321 25.13 4.71 36.07
C GLU B 321 24.61 3.28 36.14
N LYS B 322 23.38 3.04 35.70
CA LYS B 322 22.81 1.70 35.66
C LYS B 322 23.14 0.95 34.38
N GLN B 323 23.78 1.60 33.41
CA GLN B 323 23.94 0.99 32.09
C GLN B 323 25.25 1.43 31.45
N ASN B 324 26.36 1.34 32.21
CA ASN B 324 27.64 1.73 31.63
C ASN B 324 28.02 0.86 30.44
N TRP B 325 27.49 -0.37 30.38
CA TRP B 325 27.70 -1.22 29.21
C TRP B 325 27.33 -0.50 27.91
N LEU B 326 26.35 0.40 27.98
CA LEU B 326 25.84 1.02 26.76
C LEU B 326 26.86 1.93 26.11
N HIS B 327 27.74 2.55 26.89
CA HIS B 327 28.57 3.62 26.36
C HIS B 327 29.66 3.13 25.42
N SER B 328 29.97 1.83 25.43
N SER B 328 29.97 1.83 25.43
CA SER B 328 30.89 1.28 24.44
CA SER B 328 30.87 1.25 24.45
C SER B 328 30.33 1.30 23.03
C SER B 328 30.32 1.30 23.03
N TYR B 329 29.03 1.57 22.86
CA TYR B 329 28.43 1.74 21.55
C TYR B 329 28.49 3.18 21.06
N PHE B 330 28.94 4.12 21.88
CA PHE B 330 28.75 5.54 21.60
C PHE B 330 29.83 6.12 20.70
N HIS B 331 29.39 6.96 19.76
CA HIS B 331 30.22 7.62 18.77
C HIS B 331 29.96 9.12 18.84
N LYS B 332 31.01 9.90 18.56
CA LYS B 332 30.96 11.35 18.66
C LYS B 332 30.01 11.96 17.63
N TRP B 333 29.48 13.15 17.96
CA TRP B 333 28.79 13.97 16.96
C TRP B 333 29.83 14.64 16.07
N SER B 334 29.72 14.44 14.76
CA SER B 334 30.60 15.10 13.80
C SER B 334 29.77 15.35 12.55
N ALA B 335 29.82 16.58 12.04
CA ALA B 335 28.96 16.94 10.92
C ALA B 335 29.64 17.96 10.02
N GLU B 336 30.92 17.69 9.68
CA GLU B 336 31.64 18.53 8.73
C GLU B 336 30.88 18.64 7.41
N THR B 337 30.21 17.55 6.99
CA THR B 337 29.45 17.54 5.74
C THR B 337 28.44 18.69 5.64
N SER B 338 27.83 19.09 6.76
CA SER B 338 26.87 20.19 6.74
C SER B 338 27.34 21.38 7.57
N GLY B 339 28.63 21.44 7.91
CA GLY B 339 29.14 22.56 8.69
C GLY B 339 28.60 22.64 10.11
N ARG B 340 28.16 21.51 10.68
CA ARG B 340 27.37 21.50 11.90
C ARG B 340 28.00 20.71 13.05
N SER B 341 29.31 20.46 13.01
CA SER B 341 29.95 19.76 14.12
C SER B 341 29.78 20.48 15.45
N ASN B 342 29.62 21.80 15.42
CA ASN B 342 29.46 22.57 16.66
C ASN B 342 28.01 22.95 16.93
N ALA B 343 27.07 22.51 16.10
CA ALA B 343 25.65 22.73 16.32
C ALA B 343 25.10 21.43 16.90
N MET B 344 24.86 21.41 18.20
CA MET B 344 24.54 20.15 18.83
C MET B 344 23.24 19.56 18.28
N PRO B 345 23.15 18.25 18.16
CA PRO B 345 21.98 17.63 17.55
C PRO B 345 20.79 17.55 18.50
N HIS B 346 19.66 18.05 18.02
CA HIS B 346 18.37 17.69 18.57
C HIS B 346 17.54 16.89 17.57
N ILE B 347 18.02 16.77 16.33
CA ILE B 347 17.47 15.81 15.38
C ILE B 347 17.65 14.39 15.91
N LYS B 348 16.77 13.49 15.46
CA LYS B 348 16.94 12.07 15.72
C LYS B 348 16.82 11.35 14.39
N THR B 349 17.75 10.44 14.11
CA THR B 349 17.77 9.74 12.84
C THR B 349 18.24 8.30 13.05
N TYR B 350 17.77 7.42 12.16
CA TYR B 350 18.16 6.02 12.18
C TYR B 350 18.33 5.61 10.73
N MET B 351 19.33 4.78 10.44
CA MET B 351 19.58 4.39 9.04
C MET B 351 20.41 3.12 8.96
N ARG B 352 20.50 2.59 7.74
CA ARG B 352 21.14 1.31 7.48
C ARG B 352 22.16 1.46 6.36
N PRO B 353 23.36 1.91 6.67
CA PRO B 353 24.40 2.06 5.64
C PRO B 353 25.00 0.75 5.17
N SER B 354 25.63 0.82 4.00
CA SER B 354 26.41 -0.29 3.48
C SER B 354 27.73 -0.40 4.27
N PRO B 355 28.48 -1.50 4.10
CA PRO B 355 29.69 -1.66 4.92
C PRO B 355 30.72 -0.54 4.73
N ASP B 356 30.78 0.08 3.55
CA ASP B 356 31.68 1.20 3.34
C ASP B 356 30.99 2.56 3.46
N PHE B 357 29.74 2.58 3.92
CA PHE B 357 29.01 3.83 4.19
C PHE B 357 28.77 4.67 2.94
N SER B 358 28.86 4.06 1.76
CA SER B 358 28.64 4.80 0.53
C SER B 358 27.19 4.78 0.09
N LYS B 359 26.39 3.86 0.64
CA LYS B 359 24.98 3.70 0.26
C LYS B 359 24.20 3.48 1.55
N ILE B 360 22.87 3.70 1.47
CA ILE B 360 22.00 3.38 2.60
C ILE B 360 20.77 2.61 2.10
N ALA B 361 20.31 1.65 2.91
CA ALA B 361 19.12 0.88 2.56
C ALA B 361 17.83 1.58 2.98
N TRP B 362 17.89 2.55 3.89
CA TRP B 362 16.75 3.34 4.31
C TRP B 362 17.25 4.41 5.27
N PHE B 363 16.41 5.42 5.51
CA PHE B 363 16.70 6.52 6.41
C PHE B 363 15.42 6.93 7.10
N LEU B 364 15.47 7.15 8.41
CA LEU B 364 14.33 7.59 9.21
C LEU B 364 14.71 8.87 9.95
N VAL B 365 13.87 9.91 9.83
CA VAL B 365 13.95 11.08 10.71
C VAL B 365 12.71 11.08 11.60
N THR B 366 12.90 11.31 12.90
CA THR B 366 11.83 11.06 13.84
C THR B 366 12.04 11.91 15.10
N SER B 367 11.00 11.97 15.93
CA SER B 367 11.13 12.51 17.27
C SER B 367 11.70 11.48 18.25
N ALA B 368 11.73 10.20 17.89
CA ALA B 368 11.99 9.14 18.87
C ALA B 368 13.47 9.07 19.23
N ASN B 369 13.76 9.20 20.54
CA ASN B 369 15.10 9.03 21.09
C ASN B 369 15.34 7.55 21.41
N LEU B 370 16.50 7.27 22.01
CA LEU B 370 16.86 5.88 22.32
C LEU B 370 16.21 5.52 23.66
N SER B 371 14.94 5.13 23.59
N SER B 371 14.95 5.10 23.60
CA SER B 371 14.20 4.88 24.81
CA SER B 371 14.14 4.92 24.78
C SER B 371 13.04 3.92 24.54
C SER B 371 13.05 3.90 24.52
N LYS B 372 12.80 3.03 25.51
CA LYS B 372 11.67 2.10 25.43
C LYS B 372 10.34 2.83 25.46
N ALA B 373 10.27 3.98 26.13
CA ALA B 373 9.03 4.75 26.17
C ALA B 373 8.59 5.18 24.78
N ALA B 374 9.55 5.49 23.91
CA ALA B 374 9.30 6.00 22.56
C ALA B 374 9.06 4.88 21.56
N TRP B 375 9.87 3.82 21.64
CA TRP B 375 9.87 2.78 20.63
C TRP B 375 9.00 1.58 21.01
N GLY B 376 8.71 1.41 22.29
CA GLY B 376 7.91 0.29 22.76
C GLY B 376 8.76 -0.82 23.35
N ALA B 377 8.20 -1.52 24.32
CA ALA B 377 8.85 -2.66 24.96
C ALA B 377 7.84 -3.78 25.13
N LEU B 378 8.28 -5.01 24.84
CA LEU B 378 7.40 -6.16 24.92
C LEU B 378 7.12 -6.54 26.37
N GLU B 379 5.90 -7.00 26.60
CA GLU B 379 5.47 -7.49 27.90
C GLU B 379 4.65 -8.75 27.69
N LYS B 380 4.44 -9.47 28.79
CA LYS B 380 3.54 -10.64 28.82
C LYS B 380 3.99 -11.72 27.85
N ASN B 381 5.24 -12.16 28.04
CA ASN B 381 5.85 -13.18 27.20
C ASN B 381 5.77 -12.82 25.71
N GLY B 382 6.08 -11.57 25.41
CA GLY B 382 6.19 -11.14 24.03
C GLY B 382 4.87 -10.94 23.31
N THR B 383 3.75 -10.94 24.02
CA THR B 383 2.44 -10.82 23.37
C THR B 383 1.92 -9.40 23.31
N GLN B 384 2.51 -8.47 24.07
CA GLN B 384 2.00 -7.11 24.19
C GLN B 384 3.15 -6.13 24.00
N LEU B 385 2.96 -5.12 23.15
CA LEU B 385 3.92 -4.05 22.99
C LEU B 385 3.40 -2.83 23.74
N MET B 386 4.16 -2.37 24.73
CA MET B 386 3.77 -1.25 25.57
C MET B 386 4.56 -0.01 25.18
N ILE B 387 3.83 1.07 24.87
CA ILE B 387 4.41 2.35 24.48
C ILE B 387 3.86 3.41 25.41
N ARG B 388 4.71 4.31 25.88
CA ARG B 388 4.27 5.32 26.82
C ARG B 388 3.99 6.68 26.20
N SER B 389 4.54 6.97 25.01
N SER B 389 4.53 6.95 25.01
CA SER B 389 4.65 8.32 24.51
CA SER B 389 4.64 8.31 24.50
C SER B 389 4.11 8.43 23.10
C SER B 389 4.06 8.42 23.10
N TYR B 390 3.84 9.67 22.69
CA TYR B 390 3.55 10.00 21.28
C TYR B 390 4.85 10.37 20.61
N GLU B 391 5.11 9.76 19.45
CA GLU B 391 6.28 10.04 18.63
C GLU B 391 5.86 9.99 17.17
N LEU B 392 6.61 10.66 16.30
CA LEU B 392 6.28 10.62 14.89
C LEU B 392 7.52 10.85 14.04
N GLY B 393 7.65 10.06 12.98
CA GLY B 393 8.73 10.23 12.02
C GLY B 393 8.32 9.79 10.63
N VAL B 394 9.21 10.02 9.66
CA VAL B 394 9.02 9.58 8.29
C VAL B 394 10.20 8.73 7.82
N LEU B 395 9.88 7.66 7.10
CA LEU B 395 10.82 6.66 6.62
C LEU B 395 10.97 6.79 5.11
N PHE B 396 12.22 6.93 4.66
CA PHE B 396 12.60 6.96 3.26
C PHE B 396 13.10 5.57 2.89
N LEU B 397 12.38 4.89 2.00
CA LEU B 397 12.76 3.59 1.47
C LEU B 397 13.06 3.68 -0.01
N PRO B 398 14.18 3.12 -0.47
CA PRO B 398 14.50 3.17 -1.91
C PRO B 398 13.36 2.72 -2.82
N SER B 399 12.63 1.67 -2.45
CA SER B 399 11.54 1.18 -3.28
C SER B 399 10.49 2.26 -3.56
N ALA B 400 10.26 3.16 -2.60
CA ALA B 400 9.28 4.22 -2.80
C ALA B 400 9.73 5.25 -3.81
N PHE B 401 11.00 5.18 -4.24
CA PHE B 401 11.57 6.08 -5.22
C PHE B 401 12.02 5.36 -6.49
N GLY B 402 11.65 4.08 -6.67
CA GLY B 402 12.10 3.31 -7.81
C GLY B 402 13.57 2.93 -7.76
N LEU B 403 14.14 2.78 -6.57
CA LEU B 403 15.56 2.53 -6.40
C LEU B 403 15.77 1.30 -5.53
N ASP B 404 17.00 0.73 -5.63
CA ASP B 404 17.38 -0.37 -4.78
C ASP B 404 18.09 0.09 -3.52
N SER B 405 18.78 1.23 -3.57
CA SER B 405 19.44 1.85 -2.44
C SER B 405 19.57 3.34 -2.75
N PHE B 406 19.94 4.11 -1.72
CA PHE B 406 20.26 5.53 -1.89
C PHE B 406 21.78 5.66 -1.83
N LYS B 407 22.35 6.43 -2.75
CA LYS B 407 23.73 6.86 -2.58
C LYS B 407 23.78 7.95 -1.51
N VAL B 408 24.85 7.97 -0.72
CA VAL B 408 25.00 9.01 0.30
C VAL B 408 25.59 10.25 -0.36
N LYS B 409 24.95 11.39 -0.11
CA LYS B 409 25.46 12.67 -0.60
C LYS B 409 26.77 13.01 0.09
N GLN B 410 27.79 13.32 -0.70
CA GLN B 410 29.13 13.46 -0.13
C GLN B 410 29.27 14.75 0.67
N LYS B 411 28.75 15.86 0.15
CA LYS B 411 28.64 17.11 0.89
C LYS B 411 27.18 17.53 0.92
N PHE B 412 26.68 17.75 2.15
CA PHE B 412 25.24 17.90 2.35
C PHE B 412 24.65 19.03 1.50
N PHE B 413 25.39 20.11 1.33
CA PHE B 413 24.91 21.28 0.61
C PHE B 413 25.46 21.40 -0.80
N ALA B 414 26.15 20.37 -1.29
CA ALA B 414 26.73 20.40 -2.62
C ALA B 414 25.65 20.46 -3.70
N PRO B 419 23.04 13.48 -9.07
CA PRO B 419 21.64 13.87 -9.34
C PRO B 419 20.76 13.55 -8.14
N MET B 420 19.54 13.07 -8.40
CA MET B 420 18.71 12.51 -7.34
C MET B 420 19.28 11.15 -6.97
N ALA B 421 18.46 10.26 -6.41
CA ALA B 421 18.90 8.97 -5.90
C ALA B 421 19.99 9.09 -4.85
N THR B 422 20.31 10.31 -4.41
CA THR B 422 21.42 10.61 -3.50
C THR B 422 20.86 11.28 -2.25
N PHE B 423 21.01 10.60 -1.11
CA PHE B 423 20.28 11.10 0.04
C PHE B 423 21.15 12.00 0.91
N PRO B 424 20.62 13.14 1.37
CA PRO B 424 21.42 14.10 2.16
C PRO B 424 21.54 13.72 3.64
N VAL B 425 22.44 12.80 3.93
CA VAL B 425 22.76 12.46 5.33
C VAL B 425 23.45 13.65 5.99
N PRO B 426 22.95 14.15 7.12
CA PRO B 426 23.44 15.43 7.64
C PRO B 426 24.68 15.37 8.53
N TYR B 427 25.19 14.19 8.85
CA TYR B 427 26.39 14.07 9.67
C TYR B 427 27.37 13.14 8.98
N ASP B 428 28.58 13.07 9.54
CA ASP B 428 29.69 12.42 8.87
C ASP B 428 29.67 10.90 9.03
N LEU B 429 30.10 10.21 7.98
CA LEU B 429 30.30 8.77 7.98
C LEU B 429 31.73 8.45 7.56
N PRO B 430 32.35 7.41 8.14
CA PRO B 430 31.79 6.58 9.21
C PRO B 430 31.78 7.33 10.54
N PRO B 431 30.91 6.94 11.45
CA PRO B 431 30.93 7.57 12.78
C PRO B 431 32.21 7.23 13.52
N GLU B 432 32.67 8.17 14.34
CA GLU B 432 33.93 8.04 15.07
C GLU B 432 33.66 7.63 16.52
N LEU B 433 34.28 6.54 16.94
CA LEU B 433 34.10 6.07 18.30
C LEU B 433 34.62 7.09 19.31
N TYR B 434 33.93 7.20 20.45
CA TYR B 434 34.48 7.94 21.59
C TYR B 434 35.92 7.52 21.84
N GLY B 435 36.75 8.49 22.21
CA GLY B 435 38.07 8.18 22.72
C GLY B 435 38.00 7.65 24.15
N SER B 436 39.13 7.12 24.61
CA SER B 436 39.16 6.47 25.93
C SER B 436 38.85 7.45 27.04
N LYS B 437 39.13 8.73 26.84
CA LYS B 437 38.86 9.75 27.85
C LYS B 437 37.52 10.44 27.66
N ASP B 438 36.79 10.13 26.59
CA ASP B 438 35.49 10.73 26.35
C ASP B 438 34.43 10.09 27.25
N ARG B 439 33.40 10.88 27.55
CA ARG B 439 32.26 10.44 28.33
C ARG B 439 31.00 10.97 27.68
N PRO B 440 29.88 10.24 27.77
CA PRO B 440 28.64 10.76 27.22
C PRO B 440 28.19 11.99 27.99
N TRP B 441 27.59 12.95 27.28
CA TRP B 441 27.01 14.09 27.98
C TRP B 441 25.92 13.62 28.95
N ILE B 442 26.10 13.95 30.23
CA ILE B 442 25.11 13.66 31.27
C ILE B 442 24.71 15.00 31.85
N TRP B 443 23.42 15.32 31.77
CA TRP B 443 23.01 16.72 31.92
C TRP B 443 22.95 17.21 33.37
N ASN B 444 22.86 16.32 34.35
CA ASN B 444 22.60 16.72 35.72
C ASN B 444 23.77 16.47 36.67
N ILE B 445 24.99 16.50 36.14
CA ILE B 445 26.19 16.53 36.98
C ILE B 445 26.99 17.77 36.58
N PRO B 446 27.84 18.27 37.47
CA PRO B 446 28.62 19.47 37.15
C PRO B 446 29.82 19.18 36.27
N TYR B 447 30.16 20.17 35.44
CA TYR B 447 31.40 20.19 34.67
C TYR B 447 32.12 21.49 35.01
N VAL B 448 33.14 21.39 35.87
CA VAL B 448 33.80 22.55 36.46
C VAL B 448 35.30 22.55 36.24
N LYS B 449 35.86 21.60 35.53
CA LYS B 449 37.30 21.56 35.35
C LYS B 449 37.77 22.26 34.09
N ALA B 450 36.89 22.46 33.11
CA ALA B 450 37.26 23.08 31.86
C ALA B 450 36.15 24.00 31.38
N PRO B 451 36.43 25.28 31.14
CA PRO B 451 35.38 26.19 30.67
C PRO B 451 34.97 25.85 29.25
N ASP B 452 33.77 26.28 28.90
CA ASP B 452 33.19 26.04 27.57
C ASP B 452 33.54 27.17 26.62
N THR B 453 32.90 27.12 25.43
CA THR B 453 33.06 28.15 24.41
C THR B 453 32.89 29.56 24.94
N HIS B 454 32.04 29.77 25.93
CA HIS B 454 31.73 31.10 26.44
C HIS B 454 32.43 31.38 27.76
N GLY B 455 33.42 30.56 28.13
CA GLY B 455 34.16 30.78 29.35
C GLY B 455 33.45 30.37 30.61
N ASN B 456 32.42 29.54 30.52
CA ASN B 456 31.56 29.20 31.64
C ASN B 456 31.71 27.74 32.04
N MET B 457 31.34 27.46 33.28
N MET B 457 31.32 27.47 33.29
CA MET B 457 31.20 26.11 33.79
CA MET B 457 31.18 26.12 33.82
C MET B 457 29.72 25.72 33.81
C MET B 457 29.71 25.74 33.83
N TRP B 458 29.46 24.44 34.06
CA TRP B 458 28.10 23.90 34.10
C TRP B 458 27.84 23.36 35.50
N VAL B 459 26.86 23.94 36.18
CA VAL B 459 26.48 23.50 37.52
C VAL B 459 24.96 23.45 37.59
N PRO B 460 24.35 22.28 37.39
CA PRO B 460 22.88 22.09 37.34
C PRO B 460 22.25 21.96 38.72
C10 K8J C . -13.10 -22.39 -19.26
C02 K8J C . -11.82 -20.80 -20.79
C04 K8J C . -12.01 -22.15 -20.10
C05 K8J C . -11.11 -23.16 -20.36
C06 K8J C . -11.28 -24.40 -19.75
C07 K8J C . -12.35 -24.64 -18.91
C09 K8J C . -13.27 -23.63 -18.67
C11 K8J C . -14.12 -21.32 -18.94
F08 K8J C . -12.53 -25.86 -18.32
O01 K8J C . -10.71 -20.22 -20.75
O03 K8J C . -12.78 -20.32 -21.44
O12 K8J C . -15.35 -21.53 -19.00
O13 K8J C . -13.68 -20.20 -18.56
C1 EDO D . -9.14 -14.68 -8.55
O1 EDO D . -8.77 -13.65 -9.50
C2 EDO D . -8.21 -15.88 -8.68
O2 EDO D . -6.89 -15.48 -8.31
C10 K8J E . 13.50 15.52 24.66
C02 K8J E . 11.94 17.16 23.49
C04 K8J E . 12.33 16.28 24.67
C05 K8J E . 11.49 16.24 25.78
C06 K8J E . 11.84 15.45 26.85
C07 K8J E . 12.99 14.68 26.84
C09 K8J E . 13.84 14.73 25.74
C11 K8J E . 14.43 15.50 23.46
F08 K8J E . 13.31 13.91 27.92
O01 K8J E . 12.77 17.97 23.03
O03 K8J E . 10.78 17.09 23.01
O12 K8J E . 13.94 15.29 22.34
O13 K8J E . 15.68 15.67 23.59
C1 EDO F . 8.84 6.01 16.59
O1 EDO F . 7.51 5.63 16.25
C2 EDO F . 9.65 6.20 15.31
O2 EDO F . 9.14 7.29 14.54
#